data_1VD4
#
_entry.id   1VD4
#
_cell.length_a   1.000
_cell.length_b   1.000
_cell.length_c   1.000
_cell.angle_alpha   90.00
_cell.angle_beta   90.00
_cell.angle_gamma   90.00
#
_symmetry.space_group_name_H-M   'P 1'
#
loop_
_entity.id
_entity.type
_entity.pdbx_description
1 polymer 'Transcription initiation factor IIE, alpha subunit'
2 non-polymer 'ZINC ION'
#
_entity_poly.entity_id   1
_entity_poly.type   'polypeptide(L)'
_entity_poly.pdbx_seq_one_letter_code
;RIETDERDSTNRASFKCPVCSSTFTDLEANQLFDPMTGTFRCTFCHTEVEEDESAMPKKDAR
;
_entity_poly.pdbx_strand_id   A
#
loop_
_chem_comp.id
_chem_comp.type
_chem_comp.name
_chem_comp.formula
ZN non-polymer 'ZINC ION' 'Zn 2'
#
# COMPACT_ATOMS: atom_id res chain seq x y z
N ARG A 1 33.35 -1.58 6.50
CA ARG A 1 33.01 -1.66 5.04
C ARG A 1 32.04 -0.54 4.68
N ILE A 2 31.39 -0.66 3.54
CA ILE A 2 30.42 0.40 3.12
C ILE A 2 29.00 0.03 3.56
N GLU A 3 28.15 1.00 3.74
CA GLU A 3 26.75 0.70 4.16
C GLU A 3 25.85 0.56 2.94
N THR A 4 25.21 -0.56 2.78
CA THR A 4 24.31 -0.76 1.61
C THR A 4 22.91 -0.24 1.93
N ASP A 5 22.39 -0.58 3.07
CA ASP A 5 21.02 -0.10 3.43
C ASP A 5 21.05 1.39 3.75
N GLU A 6 20.15 2.14 3.18
CA GLU A 6 20.11 3.61 3.46
C GLU A 6 18.76 4.20 3.04
N ARG A 7 18.20 3.71 1.97
CA ARG A 7 16.88 4.25 1.51
C ARG A 7 15.98 3.11 1.05
N ASP A 8 15.99 2.79 -0.22
CA ASP A 8 15.13 1.69 -0.72
C ASP A 8 13.66 1.99 -0.40
N SER A 9 13.14 1.44 0.67
CA SER A 9 11.72 1.69 1.04
C SER A 9 11.63 2.89 1.98
N THR A 10 10.49 3.52 2.06
CA THR A 10 10.34 4.69 2.97
C THR A 10 9.44 4.33 4.15
N ASN A 11 8.17 4.18 3.92
CA ASN A 11 7.24 3.83 5.03
C ASN A 11 5.93 3.26 4.48
N ARG A 12 5.38 3.86 3.47
CA ARG A 12 4.11 3.34 2.89
C ARG A 12 4.24 3.15 1.38
N ALA A 13 3.18 3.40 0.65
CA ALA A 13 3.24 3.24 -0.83
C ALA A 13 3.44 1.77 -1.19
N SER A 14 3.02 0.89 -0.34
CA SER A 14 3.16 -0.56 -0.61
C SER A 14 2.19 -1.34 0.27
N PHE A 15 0.94 -1.32 -0.07
CA PHE A 15 -0.07 -2.04 0.76
C PHE A 15 -0.42 -3.38 0.13
N LYS A 16 -1.01 -4.26 0.90
CA LYS A 16 -1.37 -5.59 0.36
C LYS A 16 -2.73 -6.03 0.91
N CYS A 17 -3.46 -6.79 0.14
CA CYS A 17 -4.80 -7.24 0.61
C CYS A 17 -4.69 -8.58 1.34
N PRO A 18 -5.34 -8.67 2.46
CA PRO A 18 -5.31 -9.90 3.28
C PRO A 18 -6.29 -10.97 2.74
N VAL A 19 -7.17 -10.60 1.85
CA VAL A 19 -8.13 -11.61 1.32
C VAL A 19 -7.64 -12.20 0.00
N CYS A 20 -7.70 -11.44 -1.06
CA CYS A 20 -7.23 -11.98 -2.37
C CYS A 20 -5.71 -11.82 -2.51
N SER A 21 -5.04 -11.55 -1.41
CA SER A 21 -3.55 -11.41 -1.41
C SER A 21 -3.06 -10.51 -2.56
N SER A 22 -3.86 -9.57 -2.97
CA SER A 22 -3.40 -8.65 -4.04
C SER A 22 -2.41 -7.65 -3.46
N THR A 23 -2.11 -6.59 -4.16
CA THR A 23 -1.16 -5.59 -3.61
C THR A 23 -1.31 -4.25 -4.33
N PHE A 24 -0.88 -3.19 -3.70
CA PHE A 24 -0.98 -1.85 -4.32
C PHE A 24 0.13 -0.94 -3.80
N THR A 25 0.38 0.13 -4.48
CA THR A 25 1.46 1.07 -4.03
C THR A 25 0.82 2.41 -3.64
N ASP A 26 1.61 3.44 -3.49
CA ASP A 26 1.03 4.76 -3.12
C ASP A 26 0.12 5.27 -4.23
N LEU A 27 0.56 5.19 -5.46
CA LEU A 27 -0.29 5.66 -6.59
C LEU A 27 -1.68 5.00 -6.49
N GLU A 28 -1.76 3.86 -5.88
CA GLU A 28 -3.07 3.17 -5.73
C GLU A 28 -3.72 3.56 -4.40
N ALA A 29 -2.96 4.17 -3.53
CA ALA A 29 -3.52 4.57 -2.20
C ALA A 29 -4.49 5.74 -2.38
N ASN A 30 -4.15 6.70 -3.20
CA ASN A 30 -5.06 7.87 -3.40
C ASN A 30 -6.34 7.43 -4.12
N GLN A 31 -6.39 6.21 -4.57
CA GLN A 31 -7.61 5.73 -5.28
C GLN A 31 -8.28 4.62 -4.47
N LEU A 32 -7.52 3.86 -3.73
CA LEU A 32 -8.12 2.76 -2.92
C LEU A 32 -8.54 3.29 -1.54
N PHE A 33 -8.20 4.51 -1.24
CA PHE A 33 -8.56 5.08 0.09
C PHE A 33 -10.08 5.36 0.15
N ASP A 34 -10.64 5.32 1.33
CA ASP A 34 -12.10 5.58 1.47
C ASP A 34 -12.37 6.36 2.77
N PRO A 35 -13.16 7.38 2.65
CA PRO A 35 -13.50 8.23 3.82
C PRO A 35 -14.47 7.48 4.75
N MET A 36 -15.40 6.75 4.19
CA MET A 36 -16.37 6.01 5.05
C MET A 36 -15.63 5.14 6.06
N THR A 37 -14.42 4.77 5.78
CA THR A 37 -13.66 3.92 6.74
C THR A 37 -12.32 4.58 7.10
N GLY A 38 -11.83 5.44 6.25
CA GLY A 38 -10.53 6.11 6.54
C GLY A 38 -9.38 5.14 6.26
N THR A 39 -9.51 4.31 5.27
CA THR A 39 -8.42 3.33 4.96
C THR A 39 -8.44 3.01 3.46
N PHE A 40 -7.59 2.13 3.02
CA PHE A 40 -7.56 1.78 1.58
C PHE A 40 -8.30 0.46 1.37
N ARG A 41 -9.26 0.44 0.48
CA ARG A 41 -10.03 -0.81 0.24
C ARG A 41 -9.60 -1.47 -1.07
N CYS A 42 -9.48 -2.77 -1.07
CA CYS A 42 -9.08 -3.49 -2.31
C CYS A 42 -9.88 -2.95 -3.50
N THR A 43 -9.56 -3.39 -4.69
CA THR A 43 -10.30 -2.88 -5.88
C THR A 43 -11.06 -4.03 -6.57
N PHE A 44 -10.70 -5.25 -6.30
CA PHE A 44 -11.42 -6.38 -6.95
C PHE A 44 -12.19 -7.19 -5.91
N CYS A 45 -11.64 -7.38 -4.75
CA CYS A 45 -12.37 -8.13 -3.70
C CYS A 45 -12.71 -7.18 -2.53
N HIS A 46 -12.69 -5.91 -2.80
CA HIS A 46 -13.04 -4.87 -1.78
C HIS A 46 -12.62 -5.26 -0.35
N THR A 47 -11.58 -6.02 -0.19
CA THR A 47 -11.15 -6.38 1.19
C THR A 47 -10.22 -5.28 1.73
N GLU A 48 -10.18 -5.11 3.02
CA GLU A 48 -9.29 -4.05 3.60
C GLU A 48 -7.82 -4.42 3.37
N VAL A 49 -7.07 -3.57 2.73
CA VAL A 49 -5.63 -3.88 2.49
C VAL A 49 -4.78 -3.43 3.68
N GLU A 50 -3.52 -3.77 3.69
CA GLU A 50 -2.63 -3.35 4.81
C GLU A 50 -1.20 -3.17 4.31
N GLU A 51 -0.49 -2.21 4.85
CA GLU A 51 0.91 -1.97 4.40
C GLU A 51 1.70 -3.28 4.38
N ASP A 52 2.40 -3.54 3.31
CA ASP A 52 3.20 -4.80 3.22
C ASP A 52 4.69 -4.49 3.42
N GLU A 53 5.27 -4.98 4.47
CA GLU A 53 6.71 -4.72 4.73
C GLU A 53 7.58 -5.67 3.89
N SER A 54 6.97 -6.56 3.16
CA SER A 54 7.76 -7.50 2.32
C SER A 54 7.24 -7.51 0.88
N ALA A 55 7.13 -6.35 0.28
CA ALA A 55 6.63 -6.29 -1.12
C ALA A 55 7.61 -5.51 -2.00
N MET A 56 8.84 -5.41 -1.58
CA MET A 56 9.85 -4.67 -2.39
C MET A 56 11.05 -5.57 -2.68
N PRO A 57 11.78 -5.22 -3.71
CA PRO A 57 12.97 -6.01 -4.10
C PRO A 57 14.11 -5.78 -3.11
N LYS A 58 14.37 -6.72 -2.24
CA LYS A 58 15.47 -6.54 -1.25
C LYS A 58 16.70 -7.34 -1.71
N LYS A 59 17.58 -7.67 -0.79
CA LYS A 59 18.80 -8.43 -1.18
C LYS A 59 18.45 -9.91 -1.37
N ASP A 60 17.33 -10.34 -0.87
CA ASP A 60 16.93 -11.76 -1.04
C ASP A 60 18.14 -12.68 -0.83
N ALA A 61 18.99 -12.35 0.10
CA ALA A 61 20.19 -13.20 0.34
C ALA A 61 21.08 -13.24 -0.90
N ARG A 62 22.22 -12.62 -0.84
CA ARG A 62 23.14 -12.62 -2.01
C ARG A 62 23.87 -13.97 -2.12
ZN ZN B . -8.87 -7.74 -2.15
N ARG A 1 7.49 7.35 18.60
CA ARG A 1 8.34 7.21 17.38
C ARG A 1 8.90 5.79 17.29
N ILE A 2 8.07 4.80 17.48
CA ILE A 2 8.56 3.39 17.41
C ILE A 2 7.53 2.52 16.66
N GLU A 3 7.43 2.71 15.37
CA GLU A 3 6.45 1.90 14.59
C GLU A 3 5.02 2.19 15.03
N THR A 4 4.57 3.40 14.85
CA THR A 4 3.18 3.75 15.25
C THR A 4 2.40 4.35 14.07
N ASP A 5 1.17 4.71 14.28
CA ASP A 5 0.37 5.29 13.17
C ASP A 5 0.45 6.82 13.20
N GLU A 6 1.49 7.36 13.78
CA GLU A 6 1.62 8.84 13.84
C GLU A 6 1.76 9.41 12.42
N ARG A 7 2.90 9.22 11.81
CA ARG A 7 3.09 9.75 10.43
C ARG A 7 3.43 8.61 9.48
N ASP A 8 3.35 8.84 8.20
CA ASP A 8 3.67 7.76 7.22
C ASP A 8 3.71 8.31 5.79
N SER A 9 2.61 8.85 5.33
CA SER A 9 2.58 9.40 3.94
C SER A 9 3.85 10.20 3.67
N THR A 10 4.69 9.72 2.78
CA THR A 10 5.95 10.46 2.46
C THR A 10 6.08 10.63 0.94
N ASN A 11 6.32 9.55 0.24
CA ASN A 11 6.46 9.66 -1.24
C ASN A 11 5.98 8.35 -1.89
N ARG A 12 6.50 7.24 -1.47
CA ARG A 12 6.07 5.94 -2.05
C ARG A 12 5.34 5.11 -0.99
N ALA A 13 4.42 4.27 -1.41
CA ALA A 13 3.66 3.44 -0.42
C ALA A 13 3.44 2.03 -0.97
N SER A 14 2.95 1.13 -0.16
CA SER A 14 2.71 -0.26 -0.63
C SER A 14 1.73 -0.97 0.30
N PHE A 15 0.54 -1.24 -0.18
CA PHE A 15 -0.47 -1.93 0.68
C PHE A 15 -0.78 -3.32 0.12
N LYS A 16 -1.12 -4.25 0.97
CA LYS A 16 -1.43 -5.62 0.50
C LYS A 16 -2.80 -6.06 1.02
N CYS A 17 -3.52 -6.82 0.24
CA CYS A 17 -4.87 -7.28 0.68
C CYS A 17 -4.77 -8.65 1.35
N PRO A 18 -5.42 -8.78 2.47
CA PRO A 18 -5.41 -10.05 3.22
C PRO A 18 -6.35 -11.09 2.60
N VAL A 19 -7.32 -10.67 1.84
CA VAL A 19 -8.27 -11.64 1.24
C VAL A 19 -7.72 -12.20 -0.07
N CYS A 20 -7.72 -11.42 -1.12
CA CYS A 20 -7.22 -11.94 -2.43
C CYS A 20 -5.69 -11.77 -2.51
N SER A 21 -5.06 -11.52 -1.39
CA SER A 21 -3.57 -11.37 -1.34
C SER A 21 -3.05 -10.47 -2.47
N SER A 22 -3.83 -9.52 -2.88
CA SER A 22 -3.34 -8.60 -3.95
C SER A 22 -2.42 -7.56 -3.33
N THR A 23 -2.10 -6.51 -4.05
CA THR A 23 -1.20 -5.48 -3.46
C THR A 23 -1.37 -4.14 -4.18
N PHE A 24 -0.95 -3.07 -3.55
CA PHE A 24 -1.09 -1.73 -4.17
C PHE A 24 0.02 -0.80 -3.69
N THR A 25 0.23 0.30 -4.36
CA THR A 25 1.28 1.25 -3.93
C THR A 25 0.67 2.64 -3.70
N ASP A 26 1.48 3.63 -3.46
CA ASP A 26 0.94 5.00 -3.22
C ASP A 26 0.02 5.40 -4.37
N LEU A 27 0.42 5.16 -5.59
CA LEU A 27 -0.44 5.53 -6.74
C LEU A 27 -1.81 4.84 -6.60
N GLU A 28 -1.88 3.81 -5.80
CA GLU A 28 -3.17 3.10 -5.61
C GLU A 28 -3.78 3.51 -4.26
N ALA A 29 -3.01 4.14 -3.42
CA ALA A 29 -3.52 4.56 -2.10
C ALA A 29 -4.51 5.72 -2.26
N ASN A 30 -4.16 6.70 -3.06
CA ASN A 30 -5.07 7.86 -3.26
C ASN A 30 -6.37 7.41 -3.93
N GLN A 31 -6.33 6.35 -4.69
CA GLN A 31 -7.57 5.88 -5.37
C GLN A 31 -8.27 4.79 -4.55
N LEU A 32 -7.52 3.99 -3.85
CA LEU A 32 -8.14 2.91 -3.03
C LEU A 32 -8.53 3.43 -1.65
N PHE A 33 -7.96 4.54 -1.24
CA PHE A 33 -8.30 5.09 0.10
C PHE A 33 -9.77 5.53 0.15
N ASP A 34 -10.43 5.30 1.25
CA ASP A 34 -11.86 5.71 1.36
C ASP A 34 -12.14 6.25 2.77
N PRO A 35 -12.84 7.36 2.81
CA PRO A 35 -13.18 8.00 4.10
C PRO A 35 -14.27 7.22 4.83
N MET A 36 -14.86 6.24 4.18
CA MET A 36 -15.93 5.45 4.84
C MET A 36 -15.33 4.51 5.89
N THR A 37 -14.07 4.20 5.77
CA THR A 37 -13.44 3.28 6.76
C THR A 37 -12.17 3.92 7.35
N GLY A 38 -11.70 4.98 6.76
CA GLY A 38 -10.47 5.63 7.29
C GLY A 38 -9.24 4.83 6.87
N THR A 39 -9.34 4.08 5.81
CA THR A 39 -8.18 3.27 5.34
C THR A 39 -8.26 3.04 3.83
N PHE A 40 -7.63 2.01 3.35
CA PHE A 40 -7.67 1.73 1.89
C PHE A 40 -8.45 0.45 1.62
N ARG A 41 -9.23 0.42 0.58
CA ARG A 41 -10.02 -0.81 0.27
C ARG A 41 -9.56 -1.44 -1.04
N CYS A 42 -9.49 -2.75 -1.07
CA CYS A 42 -9.05 -3.46 -2.31
C CYS A 42 -9.78 -2.88 -3.53
N THR A 43 -9.46 -3.34 -4.70
CA THR A 43 -10.13 -2.82 -5.92
C THR A 43 -10.90 -3.93 -6.63
N PHE A 44 -10.55 -5.17 -6.38
CA PHE A 44 -11.27 -6.28 -7.05
C PHE A 44 -12.09 -7.07 -6.04
N CYS A 45 -11.55 -7.29 -4.88
CA CYS A 45 -12.31 -8.04 -3.84
C CYS A 45 -12.66 -7.09 -2.68
N HIS A 46 -12.61 -5.80 -2.95
CA HIS A 46 -12.95 -4.75 -1.94
C HIS A 46 -12.61 -5.17 -0.50
N THR A 47 -11.60 -5.96 -0.29
CA THR A 47 -11.25 -6.34 1.11
C THR A 47 -10.32 -5.28 1.70
N GLU A 48 -10.35 -5.10 3.00
CA GLU A 48 -9.46 -4.09 3.62
C GLU A 48 -7.99 -4.44 3.38
N VAL A 49 -7.26 -3.57 2.76
CA VAL A 49 -5.81 -3.86 2.50
C VAL A 49 -4.96 -3.44 3.70
N GLU A 50 -3.72 -3.85 3.73
CA GLU A 50 -2.83 -3.48 4.86
C GLU A 50 -1.42 -3.13 4.34
N GLU A 51 -0.82 -2.10 4.87
CA GLU A 51 0.54 -1.73 4.40
C GLU A 51 1.43 -2.98 4.30
N ASP A 52 2.16 -3.10 3.23
CA ASP A 52 3.05 -4.29 3.07
C ASP A 52 4.46 -3.98 3.57
N GLU A 53 4.95 -4.75 4.51
CA GLU A 53 6.31 -4.50 5.04
C GLU A 53 7.34 -5.33 4.27
N SER A 54 6.94 -5.91 3.17
CA SER A 54 7.88 -6.73 2.37
C SER A 54 7.30 -7.00 0.98
N ALA A 55 7.17 -5.99 0.16
CA ALA A 55 6.61 -6.20 -1.19
C ALA A 55 7.73 -6.36 -2.22
N MET A 56 8.66 -7.24 -1.97
CA MET A 56 9.78 -7.43 -2.93
C MET A 56 10.19 -8.91 -2.95
N PRO A 57 9.63 -9.62 -3.89
CA PRO A 57 9.93 -11.06 -4.04
C PRO A 57 11.33 -11.26 -4.63
N LYS A 58 11.44 -11.29 -5.93
CA LYS A 58 12.77 -11.47 -6.57
C LYS A 58 12.70 -11.13 -8.05
N LYS A 59 13.56 -10.27 -8.51
CA LYS A 59 13.55 -9.89 -9.96
C LYS A 59 14.77 -9.04 -10.29
N ASP A 60 14.81 -7.83 -9.80
CA ASP A 60 15.98 -6.95 -10.10
C ASP A 60 17.29 -7.71 -9.84
N ALA A 61 18.20 -7.69 -10.78
CA ALA A 61 19.49 -8.41 -10.58
C ALA A 61 19.23 -9.84 -10.13
N ARG A 62 19.16 -10.07 -8.84
CA ARG A 62 18.91 -11.45 -8.34
C ARG A 62 18.09 -11.41 -7.04
ZN ZN B . -8.47 -8.06 -2.24
N ARG A 1 26.32 19.38 -16.84
CA ARG A 1 26.42 18.37 -15.75
C ARG A 1 25.19 18.43 -14.86
N ILE A 2 24.42 17.37 -14.80
CA ILE A 2 23.21 17.37 -13.95
C ILE A 2 23.60 17.25 -12.47
N GLU A 3 22.69 17.57 -11.59
CA GLU A 3 23.01 17.49 -10.13
C GLU A 3 21.92 16.70 -9.39
N THR A 4 20.89 16.31 -10.09
CA THR A 4 19.80 15.53 -9.42
C THR A 4 20.09 14.03 -9.52
N ASP A 5 19.10 13.21 -9.28
CA ASP A 5 19.31 11.73 -9.35
C ASP A 5 17.99 11.03 -9.67
N GLU A 6 17.07 11.73 -10.28
CA GLU A 6 15.76 11.09 -10.62
C GLU A 6 14.99 10.74 -9.35
N ARG A 7 13.76 11.17 -9.25
CA ARG A 7 12.96 10.86 -8.03
C ARG A 7 12.23 9.52 -8.21
N ASP A 8 11.29 9.48 -9.11
CA ASP A 8 10.53 8.22 -9.34
C ASP A 8 10.24 7.51 -8.02
N SER A 9 9.99 8.25 -6.98
CA SER A 9 9.71 7.61 -5.66
C SER A 9 8.34 6.92 -5.69
N THR A 10 8.23 5.82 -6.39
CA THR A 10 6.92 5.11 -6.45
C THR A 10 6.88 3.99 -5.40
N ASN A 11 8.01 3.55 -4.94
CA ASN A 11 8.03 2.48 -3.92
C ASN A 11 7.98 3.07 -2.51
N ARG A 12 7.25 4.14 -2.34
CA ARG A 12 7.15 4.78 -0.99
C ARG A 12 6.00 4.17 -0.19
N ALA A 13 5.00 3.68 -0.87
CA ALA A 13 3.84 3.07 -0.15
C ALA A 13 3.43 1.75 -0.82
N SER A 14 3.02 0.79 -0.03
CA SER A 14 2.62 -0.52 -0.62
C SER A 14 1.62 -1.22 0.29
N PHE A 15 0.39 -1.33 -0.14
CA PHE A 15 -0.64 -2.00 0.71
C PHE A 15 -0.96 -3.39 0.14
N LYS A 16 -1.08 -4.36 0.99
CA LYS A 16 -1.40 -5.73 0.50
C LYS A 16 -2.77 -6.17 1.00
N CYS A 17 -3.46 -6.96 0.24
CA CYS A 17 -4.81 -7.42 0.67
C CYS A 17 -4.73 -8.81 1.33
N PRO A 18 -5.34 -8.93 2.47
CA PRO A 18 -5.31 -10.22 3.22
C PRO A 18 -6.30 -11.22 2.63
N VAL A 19 -7.19 -10.79 1.76
CA VAL A 19 -8.17 -11.75 1.18
C VAL A 19 -7.67 -12.29 -0.16
N CYS A 20 -7.69 -11.49 -1.19
CA CYS A 20 -7.22 -11.99 -2.51
C CYS A 20 -5.70 -11.84 -2.63
N SER A 21 -5.04 -11.63 -1.52
CA SER A 21 -3.54 -11.51 -1.53
C SER A 21 -3.04 -10.56 -2.61
N SER A 22 -3.81 -9.57 -2.97
CA SER A 22 -3.34 -8.62 -4.01
C SER A 22 -2.44 -7.56 -3.35
N THR A 23 -2.13 -6.50 -4.04
CA THR A 23 -1.27 -5.45 -3.44
C THR A 23 -1.43 -4.13 -4.19
N PHE A 24 -1.01 -3.04 -3.57
CA PHE A 24 -1.13 -1.72 -4.23
C PHE A 24 0.02 -0.80 -3.79
N THR A 25 0.12 0.36 -4.36
CA THR A 25 1.21 1.30 -3.96
C THR A 25 0.64 2.69 -3.72
N ASP A 26 1.49 3.66 -3.48
CA ASP A 26 0.99 5.04 -3.23
C ASP A 26 0.07 5.49 -4.37
N LEU A 27 0.49 5.32 -5.59
CA LEU A 27 -0.37 5.73 -6.74
C LEU A 27 -1.76 5.11 -6.58
N GLU A 28 -1.85 4.04 -5.83
CA GLU A 28 -3.17 3.37 -5.64
C GLU A 28 -3.78 3.84 -4.30
N ALA A 29 -2.96 4.31 -3.41
CA ALA A 29 -3.49 4.79 -2.09
C ALA A 29 -4.40 6.00 -2.30
N ASN A 30 -4.27 6.66 -3.42
CA ASN A 30 -5.13 7.85 -3.68
C ASN A 30 -6.41 7.43 -4.41
N GLN A 31 -6.49 6.20 -4.84
CA GLN A 31 -7.72 5.73 -5.55
C GLN A 31 -8.37 4.59 -4.78
N LEU A 32 -7.65 3.99 -3.87
CA LEU A 32 -8.24 2.86 -3.08
C LEU A 32 -8.63 3.34 -1.69
N PHE A 33 -8.26 4.54 -1.34
CA PHE A 33 -8.62 5.07 0.01
C PHE A 33 -10.13 5.24 0.14
N ASP A 34 -10.65 5.17 1.34
CA ASP A 34 -12.11 5.33 1.53
C ASP A 34 -12.39 6.27 2.71
N PRO A 35 -13.25 7.22 2.48
CA PRO A 35 -13.61 8.20 3.54
C PRO A 35 -14.50 7.54 4.59
N MET A 36 -14.96 6.35 4.35
CA MET A 36 -15.84 5.68 5.34
C MET A 36 -15.00 4.82 6.29
N THR A 37 -13.86 4.36 5.85
CA THR A 37 -13.01 3.51 6.73
C THR A 37 -11.70 4.24 7.04
N GLY A 38 -11.43 5.32 6.36
CA GLY A 38 -10.18 6.08 6.63
C GLY A 38 -8.96 5.25 6.18
N THR A 39 -9.20 4.16 5.52
CA THR A 39 -8.05 3.31 5.06
C THR A 39 -8.18 3.01 3.56
N PHE A 40 -7.36 2.14 3.05
CA PHE A 40 -7.44 1.80 1.60
C PHE A 40 -8.23 0.51 1.41
N ARG A 41 -9.10 0.48 0.45
CA ARG A 41 -9.91 -0.75 0.22
C ARG A 41 -9.47 -1.44 -1.09
N CYS A 42 -9.41 -2.74 -1.07
CA CYS A 42 -9.01 -3.49 -2.30
C CYS A 42 -9.79 -2.94 -3.50
N THR A 43 -9.48 -3.39 -4.69
CA THR A 43 -10.22 -2.88 -5.88
C THR A 43 -10.98 -4.01 -6.57
N PHE A 44 -10.62 -5.23 -6.33
CA PHE A 44 -11.35 -6.35 -7.00
C PHE A 44 -12.12 -7.17 -5.96
N CYS A 45 -11.61 -7.29 -4.77
CA CYS A 45 -12.33 -8.05 -3.72
C CYS A 45 -12.64 -7.13 -2.53
N HIS A 46 -12.63 -5.85 -2.78
CA HIS A 46 -12.94 -4.82 -1.73
C HIS A 46 -12.57 -5.27 -0.32
N THR A 47 -11.51 -6.02 -0.15
CA THR A 47 -11.11 -6.43 1.22
C THR A 47 -10.13 -5.39 1.79
N GLU A 48 -10.34 -4.97 3.01
CA GLU A 48 -9.42 -3.97 3.61
C GLU A 48 -7.96 -4.40 3.41
N VAL A 49 -7.12 -3.52 2.93
CA VAL A 49 -5.69 -3.88 2.72
C VAL A 49 -4.85 -3.48 3.92
N GLU A 50 -3.58 -3.82 3.92
CA GLU A 50 -2.72 -3.44 5.08
C GLU A 50 -1.29 -3.16 4.59
N GLU A 51 -0.54 -2.37 5.31
CA GLU A 51 0.86 -2.07 4.88
C GLU A 51 1.64 -3.37 4.72
N ASP A 52 2.19 -3.60 3.57
CA ASP A 52 2.97 -4.86 3.35
C ASP A 52 4.44 -4.64 3.67
N GLU A 53 5.00 -5.42 4.54
CA GLU A 53 6.44 -5.25 4.89
C GLU A 53 7.27 -6.33 4.19
N SER A 54 6.62 -7.28 3.59
CA SER A 54 7.38 -8.36 2.87
C SER A 54 7.45 -8.06 1.38
N ALA A 55 7.33 -6.80 1.02
CA ALA A 55 7.39 -6.44 -0.42
C ALA A 55 8.47 -5.38 -0.65
N MET A 56 9.61 -5.54 -0.03
CA MET A 56 10.70 -4.54 -0.22
C MET A 56 11.97 -5.23 -0.76
N PRO A 57 12.47 -4.71 -1.85
CA PRO A 57 13.68 -5.29 -2.47
C PRO A 57 14.92 -4.97 -1.63
N LYS A 58 15.30 -5.87 -0.76
CA LYS A 58 16.49 -5.63 0.09
C LYS A 58 16.23 -4.49 1.07
N LYS A 59 16.94 -4.46 2.17
CA LYS A 59 16.74 -3.38 3.16
C LYS A 59 18.07 -3.04 3.84
N ASP A 60 18.71 -1.98 3.43
CA ASP A 60 20.01 -1.60 4.05
C ASP A 60 19.99 -0.14 4.51
N ALA A 61 19.81 0.09 5.77
CA ALA A 61 19.77 1.49 6.29
C ALA A 61 21.17 2.12 6.20
N ARG A 62 22.17 1.42 6.64
CA ARG A 62 23.55 1.99 6.59
C ARG A 62 24.57 0.93 7.02
ZN ZN B . -8.45 -8.11 -2.24
N ARG A 1 10.04 25.58 16.58
CA ARG A 1 8.56 25.63 16.70
C ARG A 1 7.95 26.44 15.55
N ILE A 2 8.63 26.50 14.44
CA ILE A 2 8.10 27.28 13.28
C ILE A 2 7.75 26.34 12.12
N GLU A 3 8.56 25.35 11.89
CA GLU A 3 8.29 24.40 10.77
C GLU A 3 6.97 23.65 11.03
N THR A 4 5.98 23.90 10.21
CA THR A 4 4.67 23.21 10.41
C THR A 4 4.49 22.13 9.33
N ASP A 5 5.02 22.36 8.16
CA ASP A 5 4.88 21.36 7.06
C ASP A 5 6.24 20.75 6.73
N GLU A 6 6.28 19.81 5.84
CA GLU A 6 7.59 19.17 5.48
C GLU A 6 7.56 18.66 4.03
N ARG A 7 8.51 19.05 3.23
CA ARG A 7 8.53 18.59 1.82
C ARG A 7 9.68 17.60 1.62
N ASP A 8 9.99 17.29 0.39
CA ASP A 8 11.10 16.33 0.13
C ASP A 8 10.93 15.07 0.98
N SER A 9 9.74 14.53 1.04
CA SER A 9 9.51 13.31 1.86
C SER A 9 8.48 12.40 1.18
N THR A 10 8.67 12.12 -0.08
CA THR A 10 7.69 11.23 -0.79
C THR A 10 8.07 9.77 -0.60
N ASN A 11 7.89 9.23 0.57
CA ASN A 11 8.23 7.81 0.82
C ASN A 11 7.36 6.89 -0.05
N ARG A 12 7.84 5.72 -0.35
CA ARG A 12 7.05 4.78 -1.19
C ARG A 12 6.00 4.06 -0.34
N ALA A 13 4.83 3.85 -0.86
CA ALA A 13 3.76 3.15 -0.07
C ALA A 13 3.43 1.81 -0.72
N SER A 14 3.19 0.81 0.08
CA SER A 14 2.85 -0.53 -0.49
C SER A 14 1.83 -1.24 0.40
N PHE A 15 0.62 -1.39 -0.08
CA PHE A 15 -0.43 -2.08 0.74
C PHE A 15 -0.68 -3.49 0.20
N LYS A 16 -1.10 -4.38 1.04
CA LYS A 16 -1.38 -5.77 0.58
C LYS A 16 -2.75 -6.24 1.08
N CYS A 17 -3.48 -6.94 0.27
CA CYS A 17 -4.81 -7.43 0.69
C CYS A 17 -4.70 -8.83 1.30
N PRO A 18 -5.24 -8.99 2.47
CA PRO A 18 -5.19 -10.30 3.18
C PRO A 18 -6.18 -11.30 2.56
N VAL A 19 -7.17 -10.83 1.84
CA VAL A 19 -8.16 -11.77 1.23
C VAL A 19 -7.64 -12.32 -0.10
N CYS A 20 -7.66 -11.52 -1.13
CA CYS A 20 -7.18 -12.02 -2.46
C CYS A 20 -5.65 -11.85 -2.57
N SER A 21 -5.00 -11.63 -1.46
CA SER A 21 -3.51 -11.50 -1.45
C SER A 21 -3.01 -10.53 -2.53
N SER A 22 -3.81 -9.57 -2.90
CA SER A 22 -3.36 -8.60 -3.93
C SER A 22 -2.47 -7.54 -3.27
N THR A 23 -2.07 -6.54 -4.00
CA THR A 23 -1.21 -5.48 -3.38
C THR A 23 -1.39 -4.15 -4.09
N PHE A 24 -1.03 -3.07 -3.45
CA PHE A 24 -1.17 -1.73 -4.08
C PHE A 24 -0.04 -0.81 -3.59
N THR A 25 0.17 0.29 -4.26
CA THR A 25 1.25 1.23 -3.83
C THR A 25 0.67 2.63 -3.62
N ASP A 26 1.51 3.60 -3.39
CA ASP A 26 1.01 4.98 -3.18
C ASP A 26 0.09 5.40 -4.33
N LEU A 27 0.52 5.21 -5.54
CA LEU A 27 -0.34 5.60 -6.71
C LEU A 27 -1.72 4.97 -6.55
N GLU A 28 -1.81 3.85 -5.90
CA GLU A 28 -3.14 3.19 -5.70
C GLU A 28 -3.76 3.68 -4.39
N ALA A 29 -2.95 4.16 -3.48
CA ALA A 29 -3.48 4.65 -2.18
C ALA A 29 -4.37 5.88 -2.41
N ASN A 30 -4.27 6.48 -3.56
CA ASN A 30 -5.11 7.69 -3.84
C ASN A 30 -6.44 7.27 -4.49
N GLN A 31 -6.59 6.03 -4.85
CA GLN A 31 -7.85 5.58 -5.49
C GLN A 31 -8.53 4.48 -4.65
N LEU A 32 -7.78 3.84 -3.79
CA LEU A 32 -8.37 2.76 -2.94
C LEU A 32 -8.75 3.32 -1.57
N PHE A 33 -8.37 4.53 -1.29
CA PHE A 33 -8.69 5.13 0.04
C PHE A 33 -10.20 5.41 0.15
N ASP A 34 -10.77 5.14 1.31
CA ASP A 34 -12.23 5.40 1.49
C ASP A 34 -12.45 6.23 2.76
N PRO A 35 -13.23 7.26 2.63
CA PRO A 35 -13.52 8.15 3.77
C PRO A 35 -14.52 7.49 4.73
N MET A 36 -14.97 6.31 4.42
CA MET A 36 -15.94 5.62 5.31
C MET A 36 -15.21 4.92 6.47
N THR A 37 -13.95 4.62 6.30
CA THR A 37 -13.20 3.94 7.39
C THR A 37 -11.89 4.67 7.68
N GLY A 38 -11.32 5.31 6.69
CA GLY A 38 -10.04 6.04 6.92
C GLY A 38 -8.87 5.19 6.43
N THR A 39 -9.12 4.24 5.58
CA THR A 39 -8.02 3.37 5.07
C THR A 39 -8.20 3.09 3.58
N PHE A 40 -7.43 2.19 3.03
CA PHE A 40 -7.57 1.87 1.59
C PHE A 40 -8.29 0.54 1.41
N ARG A 41 -9.20 0.46 0.47
CA ARG A 41 -9.93 -0.82 0.26
C ARG A 41 -9.51 -1.49 -1.05
N CYS A 42 -9.44 -2.79 -1.06
CA CYS A 42 -9.03 -3.52 -2.29
C CYS A 42 -9.82 -2.97 -3.49
N THR A 43 -9.53 -3.45 -4.67
CA THR A 43 -10.27 -2.95 -5.87
C THR A 43 -10.97 -4.10 -6.59
N PHE A 44 -10.58 -5.31 -6.34
CA PHE A 44 -11.24 -6.47 -7.02
C PHE A 44 -12.03 -7.29 -6.01
N CYS A 45 -11.56 -7.39 -4.80
CA CYS A 45 -12.31 -8.16 -3.78
C CYS A 45 -12.70 -7.24 -2.61
N HIS A 46 -12.64 -5.95 -2.84
CA HIS A 46 -13.02 -4.93 -1.81
C HIS A 46 -12.60 -5.33 -0.38
N THR A 47 -11.57 -6.08 -0.22
CA THR A 47 -11.14 -6.43 1.18
C THR A 47 -10.22 -5.34 1.71
N GLU A 48 -10.24 -5.10 3.00
CA GLU A 48 -9.37 -4.05 3.58
C GLU A 48 -7.89 -4.38 3.33
N VAL A 49 -7.12 -3.44 2.88
CA VAL A 49 -5.68 -3.70 2.61
C VAL A 49 -4.81 -3.16 3.76
N GLU A 50 -3.67 -3.74 3.97
CA GLU A 50 -2.78 -3.25 5.07
C GLU A 50 -1.36 -3.00 4.53
N GLU A 51 -0.60 -2.17 5.20
CA GLU A 51 0.78 -1.87 4.73
C GLU A 51 1.59 -3.17 4.62
N ASP A 52 2.37 -3.31 3.60
CA ASP A 52 3.19 -4.55 3.44
C ASP A 52 4.52 -4.40 4.18
N GLU A 53 4.65 -5.04 5.31
CA GLU A 53 5.92 -4.94 6.08
C GLU A 53 6.74 -6.23 5.91
N SER A 54 6.50 -6.95 4.87
CA SER A 54 7.26 -8.21 4.64
C SER A 54 7.82 -8.25 3.21
N ALA A 55 8.16 -7.11 2.67
CA ALA A 55 8.71 -7.09 1.28
C ALA A 55 10.23 -7.26 1.32
N MET A 56 10.89 -7.04 0.21
CA MET A 56 12.37 -7.19 0.18
C MET A 56 12.77 -8.58 0.70
N PRO A 57 12.40 -9.57 -0.07
CA PRO A 57 12.72 -10.98 0.30
C PRO A 57 14.22 -11.25 0.13
N LYS A 58 15.00 -11.03 1.15
CA LYS A 58 16.46 -11.29 1.04
C LYS A 58 17.03 -11.72 2.39
N LYS A 59 16.28 -12.50 3.13
CA LYS A 59 16.78 -12.96 4.46
C LYS A 59 18.26 -13.34 4.39
N ASP A 60 19.10 -12.61 5.05
CA ASP A 60 20.56 -12.93 5.02
C ASP A 60 20.85 -14.15 5.91
N ALA A 61 20.93 -15.31 5.33
CA ALA A 61 21.20 -16.53 6.15
C ALA A 61 22.64 -16.51 6.67
N ARG A 62 23.06 -17.56 7.32
CA ARG A 62 24.45 -17.60 7.86
C ARG A 62 25.42 -18.06 6.77
ZN ZN B . -8.44 -8.14 -2.22
N ARG A 1 28.53 15.32 5.29
CA ARG A 1 27.11 14.93 5.54
C ARG A 1 26.36 16.07 6.25
N ILE A 2 25.68 16.89 5.51
CA ILE A 2 24.93 18.02 6.14
C ILE A 2 23.42 17.74 6.12
N GLU A 3 23.01 16.76 5.36
CA GLU A 3 21.55 16.44 5.29
C GLU A 3 21.32 14.97 5.64
N THR A 4 20.26 14.66 6.33
CA THR A 4 20.00 13.24 6.70
C THR A 4 18.67 12.75 6.09
N ASP A 5 17.57 13.12 6.68
CA ASP A 5 16.26 12.66 6.13
C ASP A 5 15.50 13.84 5.51
N GLU A 6 15.69 15.02 6.02
CA GLU A 6 14.98 16.20 5.47
C GLU A 6 13.49 16.12 5.78
N ARG A 7 12.83 15.06 5.38
CA ARG A 7 11.37 14.94 5.66
C ARG A 7 10.97 13.47 5.70
N ASP A 8 9.78 13.17 6.18
CA ASP A 8 9.34 11.76 6.25
C ASP A 8 7.93 11.62 5.67
N SER A 9 7.56 12.48 4.76
CA SER A 9 6.20 12.39 4.16
C SER A 9 6.28 11.79 2.75
N THR A 10 7.42 11.88 2.13
CA THR A 10 7.57 11.32 0.75
C THR A 10 8.36 10.01 0.80
N ASN A 11 7.72 8.94 1.14
CA ASN A 11 8.43 7.63 1.20
C ASN A 11 7.65 6.57 0.42
N ARG A 12 6.79 6.99 -0.48
CA ARG A 12 6.00 6.01 -1.28
C ARG A 12 5.09 5.19 -0.36
N ALA A 13 4.63 4.05 -0.83
CA ALA A 13 3.74 3.21 0.02
C ALA A 13 3.38 1.91 -0.71
N SER A 14 3.13 0.86 0.05
CA SER A 14 2.77 -0.43 -0.58
C SER A 14 1.77 -1.18 0.31
N PHE A 15 0.55 -1.32 -0.15
CA PHE A 15 -0.47 -2.02 0.68
C PHE A 15 -0.71 -3.44 0.16
N LYS A 16 -1.06 -4.33 1.02
CA LYS A 16 -1.34 -5.74 0.58
C LYS A 16 -2.73 -6.16 1.07
N CYS A 17 -3.44 -6.90 0.27
CA CYS A 17 -4.80 -7.33 0.69
C CYS A 17 -4.72 -8.68 1.44
N PRO A 18 -5.40 -8.74 2.55
CA PRO A 18 -5.40 -9.97 3.37
C PRO A 18 -6.36 -11.02 2.80
N VAL A 19 -7.16 -10.68 1.83
CA VAL A 19 -8.11 -11.69 1.27
C VAL A 19 -7.59 -12.26 -0.05
N CYS A 20 -7.60 -11.49 -1.10
CA CYS A 20 -7.11 -12.00 -2.41
C CYS A 20 -5.59 -11.83 -2.52
N SER A 21 -4.93 -11.63 -1.41
CA SER A 21 -3.44 -11.49 -1.40
C SER A 21 -2.94 -10.53 -2.48
N SER A 22 -3.76 -9.59 -2.89
CA SER A 22 -3.29 -8.63 -3.93
C SER A 22 -2.39 -7.58 -3.27
N THR A 23 -2.12 -6.50 -3.94
CA THR A 23 -1.25 -5.44 -3.34
C THR A 23 -1.46 -4.10 -4.03
N PHE A 24 -1.02 -3.04 -3.42
CA PHE A 24 -1.18 -1.70 -4.03
C PHE A 24 -0.08 -0.75 -3.56
N THR A 25 0.06 0.38 -4.18
CA THR A 25 1.12 1.35 -3.76
C THR A 25 0.50 2.74 -3.56
N ASP A 26 1.31 3.76 -3.56
CA ASP A 26 0.77 5.13 -3.37
C ASP A 26 -0.23 5.46 -4.48
N LEU A 27 0.12 5.21 -5.71
CA LEU A 27 -0.82 5.51 -6.83
C LEU A 27 -2.17 4.83 -6.56
N GLU A 28 -2.15 3.76 -5.81
CA GLU A 28 -3.43 3.06 -5.50
C GLU A 28 -3.93 3.49 -4.11
N ALA A 29 -3.12 4.17 -3.37
CA ALA A 29 -3.54 4.62 -2.02
C ALA A 29 -4.44 5.86 -2.13
N ASN A 30 -4.35 6.55 -3.23
CA ASN A 30 -5.20 7.77 -3.42
C ASN A 30 -6.55 7.38 -4.05
N GLN A 31 -6.65 6.17 -4.52
CA GLN A 31 -7.93 5.72 -5.15
C GLN A 31 -8.58 4.63 -4.28
N LEU A 32 -7.79 3.84 -3.61
CA LEU A 32 -8.36 2.77 -2.76
C LEU A 32 -8.73 3.33 -1.38
N PHE A 33 -8.14 4.44 -1.01
CA PHE A 33 -8.45 5.04 0.32
C PHE A 33 -9.89 5.58 0.34
N ASP A 34 -10.64 5.26 1.36
CA ASP A 34 -12.04 5.75 1.44
C ASP A 34 -12.24 6.58 2.71
N PRO A 35 -13.03 7.61 2.58
CA PRO A 35 -13.31 8.50 3.73
C PRO A 35 -14.27 7.84 4.72
N MET A 36 -14.69 6.62 4.44
CA MET A 36 -15.62 5.93 5.37
C MET A 36 -14.86 4.96 6.27
N THR A 37 -13.62 4.72 5.99
CA THR A 37 -12.83 3.78 6.84
C THR A 37 -11.43 4.33 7.10
N GLY A 38 -11.13 5.49 6.60
CA GLY A 38 -9.77 6.07 6.83
C GLY A 38 -8.70 5.05 6.45
N THR A 39 -9.04 4.10 5.62
CA THR A 39 -8.04 3.08 5.22
C THR A 39 -8.11 2.83 3.71
N PHE A 40 -7.37 1.88 3.21
CA PHE A 40 -7.40 1.60 1.75
C PHE A 40 -8.20 0.32 1.47
N ARG A 41 -9.13 0.37 0.56
CA ARG A 41 -9.93 -0.85 0.26
C ARG A 41 -9.45 -1.51 -1.03
N CYS A 42 -9.40 -2.81 -1.06
CA CYS A 42 -8.97 -3.53 -2.29
C CYS A 42 -9.72 -2.97 -3.49
N THR A 43 -9.40 -3.42 -4.67
CA THR A 43 -10.11 -2.90 -5.87
C THR A 43 -10.85 -4.02 -6.60
N PHE A 44 -10.49 -5.24 -6.36
CA PHE A 44 -11.20 -6.38 -7.04
C PHE A 44 -12.02 -7.16 -6.02
N CYS A 45 -11.47 -7.37 -4.86
CA CYS A 45 -12.23 -8.12 -3.81
C CYS A 45 -12.56 -7.17 -2.64
N HIS A 46 -12.50 -5.89 -2.92
CA HIS A 46 -12.83 -4.84 -1.90
C HIS A 46 -12.49 -5.26 -0.46
N THR A 47 -11.49 -6.08 -0.26
CA THR A 47 -11.13 -6.46 1.13
C THR A 47 -10.23 -5.38 1.74
N GLU A 48 -10.31 -5.16 3.02
CA GLU A 48 -9.46 -4.12 3.66
C GLU A 48 -7.98 -4.46 3.49
N VAL A 49 -7.26 -3.67 2.74
CA VAL A 49 -5.80 -3.95 2.53
C VAL A 49 -4.98 -3.37 3.68
N GLU A 50 -3.77 -3.81 3.84
CA GLU A 50 -2.92 -3.28 4.94
C GLU A 50 -1.51 -2.99 4.42
N GLU A 51 -0.83 -2.05 5.03
CA GLU A 51 0.55 -1.72 4.58
C GLU A 51 1.40 -2.99 4.46
N ASP A 52 2.18 -3.11 3.42
CA ASP A 52 3.01 -4.33 3.26
C ASP A 52 4.42 -4.10 3.81
N GLU A 53 4.68 -4.59 4.99
CA GLU A 53 6.03 -4.39 5.60
C GLU A 53 6.94 -5.58 5.27
N SER A 54 6.55 -6.38 4.31
CA SER A 54 7.40 -7.56 3.95
C SER A 54 7.38 -7.78 2.43
N ALA A 55 7.64 -6.76 1.66
CA ALA A 55 7.64 -6.90 0.19
C ALA A 55 9.01 -7.35 -0.32
N MET A 56 9.74 -8.08 0.49
CA MET A 56 11.09 -8.54 0.05
C MET A 56 11.36 -9.96 0.57
N PRO A 57 12.42 -10.54 0.08
CA PRO A 57 12.80 -11.91 0.51
C PRO A 57 13.37 -11.90 1.92
N LYS A 58 12.66 -11.34 2.86
CA LYS A 58 13.16 -11.30 4.26
C LYS A 58 14.65 -10.95 4.28
N LYS A 59 15.33 -11.22 5.36
CA LYS A 59 16.78 -10.89 5.43
C LYS A 59 17.58 -12.12 5.85
N ASP A 60 18.85 -12.14 5.59
CA ASP A 60 19.68 -13.32 5.97
C ASP A 60 20.62 -12.95 7.13
N ALA A 61 20.09 -12.34 8.15
CA ALA A 61 20.94 -11.97 9.32
C ALA A 61 21.24 -13.20 10.18
N ARG A 62 21.98 -14.14 9.66
CA ARG A 62 22.31 -15.35 10.46
C ARG A 62 21.02 -16.03 10.95
ZN ZN B . -8.39 -8.14 -2.24
N ARG A 1 2.32 25.91 -7.66
CA ARG A 1 2.96 27.17 -7.15
C ARG A 1 2.34 27.56 -5.80
N ILE A 2 1.04 27.52 -5.70
CA ILE A 2 0.38 27.89 -4.41
C ILE A 2 -0.72 26.88 -4.07
N GLU A 3 -0.65 26.31 -2.90
CA GLU A 3 -1.69 25.31 -2.50
C GLU A 3 -1.88 25.34 -0.99
N THR A 4 -2.77 24.53 -0.48
CA THR A 4 -3.00 24.51 0.99
C THR A 4 -1.74 24.06 1.73
N ASP A 5 -1.87 23.63 2.94
CA ASP A 5 -0.66 23.19 3.72
C ASP A 5 -0.53 21.67 3.67
N GLU A 6 0.48 21.13 4.30
CA GLU A 6 0.67 19.65 4.30
C GLU A 6 1.72 19.25 5.33
N ARG A 7 1.55 18.11 5.95
CA ARG A 7 2.54 17.67 6.97
C ARG A 7 2.11 16.33 7.59
N ASP A 8 3.06 15.48 7.87
CA ASP A 8 2.71 14.16 8.48
C ASP A 8 1.47 13.58 7.80
N SER A 9 1.61 13.09 6.60
CA SER A 9 0.44 12.50 5.89
C SER A 9 0.73 11.04 5.53
N THR A 10 -0.28 10.21 5.54
CA THR A 10 -0.06 8.77 5.22
C THR A 10 -1.01 8.33 4.10
N ASN A 11 -1.02 9.04 3.00
CA ASN A 11 -1.93 8.66 1.88
C ASN A 11 -1.11 8.14 0.70
N ARG A 12 0.06 7.61 0.95
CA ARG A 12 0.90 7.09 -0.16
C ARG A 12 1.91 6.06 0.37
N ALA A 13 1.72 4.81 0.03
CA ALA A 13 2.66 3.76 0.51
C ALA A 13 2.31 2.41 -0.12
N SER A 14 2.82 1.34 0.42
CA SER A 14 2.52 0.00 -0.14
C SER A 14 1.46 -0.71 0.72
N PHE A 15 0.52 -1.37 0.10
CA PHE A 15 -0.53 -2.08 0.89
C PHE A 15 -0.79 -3.47 0.30
N LYS A 16 -1.26 -4.38 1.11
CA LYS A 16 -1.54 -5.76 0.60
C LYS A 16 -2.90 -6.24 1.11
N CYS A 17 -3.62 -6.96 0.30
CA CYS A 17 -4.96 -7.45 0.71
C CYS A 17 -4.83 -8.84 1.36
N PRO A 18 -5.46 -8.99 2.50
CA PRO A 18 -5.41 -10.28 3.24
C PRO A 18 -6.36 -11.31 2.62
N VAL A 19 -7.35 -10.88 1.87
CA VAL A 19 -8.29 -11.85 1.27
C VAL A 19 -7.76 -12.37 -0.08
N CYS A 20 -7.77 -11.55 -1.09
CA CYS A 20 -7.28 -12.02 -2.41
C CYS A 20 -5.76 -11.84 -2.51
N SER A 21 -5.11 -11.64 -1.39
CA SER A 21 -3.62 -11.49 -1.38
C SER A 21 -3.13 -10.52 -2.45
N SER A 22 -3.94 -9.59 -2.86
CA SER A 22 -3.48 -8.63 -3.90
C SER A 22 -2.53 -7.61 -3.24
N THR A 23 -2.18 -6.58 -3.95
CA THR A 23 -1.27 -5.56 -3.35
C THR A 23 -1.41 -4.22 -4.08
N PHE A 24 -0.98 -3.16 -3.45
CA PHE A 24 -1.09 -1.82 -4.10
C PHE A 24 0.02 -0.88 -3.57
N THR A 25 0.22 0.21 -4.25
CA THR A 25 1.27 1.18 -3.80
C THR A 25 0.64 2.54 -3.52
N ASP A 26 1.43 3.57 -3.47
CA ASP A 26 0.86 4.93 -3.21
C ASP A 26 -0.10 5.31 -4.33
N LEU A 27 0.32 5.17 -5.55
CA LEU A 27 -0.59 5.52 -6.69
C LEU A 27 -1.94 4.82 -6.51
N GLU A 28 -1.92 3.60 -6.06
CA GLU A 28 -3.20 2.87 -5.84
C GLU A 28 -3.83 3.31 -4.51
N ALA A 29 -3.07 3.96 -3.69
CA ALA A 29 -3.61 4.44 -2.37
C ALA A 29 -4.56 5.61 -2.60
N ASN A 30 -4.22 6.48 -3.51
CA ASN A 30 -5.11 7.65 -3.78
C ASN A 30 -6.36 7.20 -4.55
N GLN A 31 -6.34 5.99 -5.07
CA GLN A 31 -7.53 5.50 -5.83
C GLN A 31 -8.25 4.42 -5.02
N LEU A 32 -7.65 3.95 -3.96
CA LEU A 32 -8.30 2.89 -3.13
C LEU A 32 -8.71 3.48 -1.78
N PHE A 33 -8.02 4.48 -1.31
CA PHE A 33 -8.36 5.08 0.00
C PHE A 33 -9.86 5.42 0.07
N ASP A 34 -10.44 5.33 1.23
CA ASP A 34 -11.90 5.64 1.36
C ASP A 34 -12.15 6.44 2.65
N PRO A 35 -12.94 7.47 2.52
CA PRO A 35 -13.27 8.33 3.67
C PRO A 35 -14.27 7.64 4.59
N MET A 36 -14.66 6.43 4.28
CA MET A 36 -15.64 5.71 5.13
C MET A 36 -14.93 4.69 6.02
N THR A 37 -13.67 4.42 5.76
CA THR A 37 -12.94 3.44 6.60
C THR A 37 -11.58 4.01 7.03
N GLY A 38 -11.28 5.21 6.63
CA GLY A 38 -9.98 5.83 7.02
C GLY A 38 -8.84 4.92 6.57
N THR A 39 -9.05 4.15 5.54
CA THR A 39 -7.97 3.24 5.05
C THR A 39 -8.16 2.95 3.55
N PHE A 40 -7.37 2.06 3.01
CA PHE A 40 -7.50 1.75 1.56
C PHE A 40 -8.30 0.45 1.37
N ARG A 41 -9.24 0.45 0.47
CA ARG A 41 -10.05 -0.78 0.25
C ARG A 41 -9.60 -1.47 -1.05
N CYS A 42 -9.54 -2.78 -1.03
CA CYS A 42 -9.14 -3.52 -2.25
C CYS A 42 -9.89 -2.99 -3.47
N THR A 43 -9.57 -3.43 -4.65
CA THR A 43 -10.27 -2.92 -5.86
C THR A 43 -11.06 -4.03 -6.56
N PHE A 44 -10.71 -5.27 -6.31
CA PHE A 44 -11.45 -6.38 -6.97
C PHE A 44 -12.25 -7.18 -5.94
N CYS A 45 -11.71 -7.35 -4.77
CA CYS A 45 -12.44 -8.12 -3.72
C CYS A 45 -12.75 -7.18 -2.54
N HIS A 46 -12.70 -5.90 -2.80
CA HIS A 46 -13.01 -4.85 -1.75
C HIS A 46 -12.65 -5.30 -0.32
N THR A 47 -11.63 -6.11 -0.15
CA THR A 47 -11.26 -6.50 1.24
C THR A 47 -10.27 -5.48 1.80
N GLU A 48 -10.45 -5.07 3.04
CA GLU A 48 -9.52 -4.07 3.63
C GLU A 48 -8.06 -4.51 3.42
N VAL A 49 -7.25 -3.63 2.91
CA VAL A 49 -5.81 -4.00 2.68
C VAL A 49 -4.97 -3.63 3.89
N GLU A 50 -3.70 -3.97 3.87
CA GLU A 50 -2.82 -3.64 5.02
C GLU A 50 -1.41 -3.30 4.53
N GLU A 51 -0.78 -2.33 5.14
CA GLU A 51 0.59 -1.94 4.70
C GLU A 51 1.49 -3.19 4.62
N ASP A 52 2.18 -3.37 3.52
CA ASP A 52 3.06 -4.57 3.39
C ASP A 52 4.48 -4.24 3.85
N GLU A 53 4.95 -4.87 4.89
CA GLU A 53 6.33 -4.59 5.37
C GLU A 53 7.34 -5.47 4.63
N SER A 54 6.88 -6.23 3.66
CA SER A 54 7.81 -7.11 2.90
C SER A 54 8.13 -6.49 1.54
N ALA A 55 7.86 -5.22 1.39
CA ALA A 55 8.14 -4.56 0.08
C ALA A 55 9.65 -4.29 -0.06
N MET A 56 10.44 -5.32 -0.13
CA MET A 56 11.91 -5.12 -0.27
C MET A 56 12.59 -6.45 -0.64
N PRO A 57 12.49 -7.40 0.23
CA PRO A 57 13.10 -8.74 -0.02
C PRO A 57 12.29 -9.50 -1.06
N LYS A 58 11.00 -9.36 -1.05
CA LYS A 58 10.15 -10.08 -2.04
C LYS A 58 10.12 -9.31 -3.37
N LYS A 59 10.01 -8.01 -3.31
CA LYS A 59 9.98 -7.22 -4.57
C LYS A 59 11.23 -7.51 -5.42
N ASP A 60 11.04 -7.89 -6.66
CA ASP A 60 12.21 -8.18 -7.53
C ASP A 60 12.28 -7.19 -8.68
N ALA A 61 12.03 -5.93 -8.42
CA ALA A 61 12.08 -4.92 -9.51
C ALA A 61 13.53 -4.65 -9.93
N ARG A 62 13.73 -3.68 -10.78
CA ARG A 62 15.13 -3.38 -11.24
C ARG A 62 15.11 -2.19 -12.19
ZN ZN B . -8.59 -8.16 -2.19
N ARG A 1 15.34 -9.68 14.87
CA ARG A 1 16.54 -9.43 15.72
C ARG A 1 16.97 -7.97 15.59
N ILE A 2 16.31 -7.08 16.28
CA ILE A 2 16.69 -5.64 16.20
C ILE A 2 16.74 -5.19 14.74
N GLU A 3 15.61 -4.96 14.14
CA GLU A 3 15.60 -4.53 12.72
C GLU A 3 15.11 -3.08 12.61
N THR A 4 15.97 -2.16 12.25
CA THR A 4 15.56 -0.74 12.15
C THR A 4 15.78 -0.24 10.71
N ASP A 5 16.21 0.99 10.56
CA ASP A 5 16.44 1.53 9.19
C ASP A 5 15.13 1.51 8.40
N GLU A 6 14.56 2.65 8.15
CA GLU A 6 13.29 2.69 7.38
C GLU A 6 12.32 1.62 7.90
N ARG A 7 11.53 1.95 8.89
CA ARG A 7 10.57 0.96 9.44
C ARG A 7 9.33 0.87 8.56
N ASP A 8 8.43 1.81 8.70
CA ASP A 8 7.18 1.77 7.87
C ASP A 8 7.40 2.53 6.57
N SER A 9 8.58 2.49 6.03
CA SER A 9 8.84 3.21 4.74
C SER A 9 8.57 4.70 4.92
N THR A 10 9.15 5.52 4.07
CA THR A 10 8.91 6.99 4.19
C THR A 10 8.57 7.59 2.82
N ASN A 11 9.13 7.05 1.78
CA ASN A 11 8.84 7.59 0.41
C ASN A 11 8.34 6.48 -0.50
N ARG A 12 7.88 5.39 0.06
CA ARG A 12 7.38 4.27 -0.78
C ARG A 12 6.18 3.59 -0.10
N ALA A 13 5.04 3.65 -0.73
CA ALA A 13 3.84 3.01 -0.11
C ALA A 13 3.50 1.69 -0.80
N SER A 14 3.10 0.70 -0.05
CA SER A 14 2.77 -0.62 -0.66
C SER A 14 1.74 -1.34 0.20
N PHE A 15 0.49 -1.34 -0.22
CA PHE A 15 -0.55 -2.02 0.58
C PHE A 15 -0.79 -3.44 0.05
N LYS A 16 -1.18 -4.34 0.91
CA LYS A 16 -1.44 -5.74 0.47
C LYS A 16 -2.80 -6.21 1.00
N CYS A 17 -3.55 -6.91 0.19
CA CYS A 17 -4.88 -7.39 0.65
C CYS A 17 -4.77 -8.78 1.27
N PRO A 18 -5.37 -8.92 2.43
CA PRO A 18 -5.32 -10.21 3.15
C PRO A 18 -6.31 -11.23 2.54
N VAL A 19 -7.30 -10.77 1.83
CA VAL A 19 -8.29 -11.72 1.24
C VAL A 19 -7.79 -12.26 -0.11
N CYS A 20 -7.81 -11.46 -1.13
CA CYS A 20 -7.35 -11.96 -2.46
C CYS A 20 -5.83 -11.81 -2.59
N SER A 21 -5.16 -11.60 -1.47
CA SER A 21 -3.66 -11.48 -1.49
C SER A 21 -3.16 -10.55 -2.59
N SER A 22 -3.93 -9.57 -2.97
CA SER A 22 -3.46 -8.63 -4.02
C SER A 22 -2.52 -7.59 -3.37
N THR A 23 -2.24 -6.52 -4.05
CA THR A 23 -1.35 -5.49 -3.45
C THR A 23 -1.51 -4.14 -4.16
N PHE A 24 -1.04 -3.08 -3.54
CA PHE A 24 -1.16 -1.74 -4.16
C PHE A 24 -0.02 -0.84 -3.68
N THR A 25 0.19 0.27 -4.34
CA THR A 25 1.28 1.19 -3.92
C THR A 25 0.68 2.56 -3.58
N ASP A 26 1.50 3.58 -3.52
CA ASP A 26 0.97 4.93 -3.19
C ASP A 26 0.03 5.41 -4.29
N LEU A 27 0.45 5.37 -5.52
CA LEU A 27 -0.44 5.81 -6.63
C LEU A 27 -1.78 5.08 -6.52
N GLU A 28 -1.77 3.90 -5.97
CA GLU A 28 -3.04 3.14 -5.82
C GLU A 28 -3.71 3.54 -4.49
N ALA A 29 -2.92 4.01 -3.56
CA ALA A 29 -3.48 4.43 -2.24
C ALA A 29 -4.43 5.61 -2.44
N ASN A 30 -4.12 6.49 -3.35
CA ASN A 30 -5.01 7.66 -3.60
C ASN A 30 -6.36 7.19 -4.15
N GLN A 31 -6.37 6.18 -4.95
CA GLN A 31 -7.67 5.68 -5.52
C GLN A 31 -8.20 4.51 -4.68
N LEU A 32 -7.37 3.92 -3.87
CA LEU A 32 -7.84 2.78 -3.03
C LEU A 32 -8.23 3.27 -1.63
N PHE A 33 -8.10 4.54 -1.38
CA PHE A 33 -8.45 5.08 -0.03
C PHE A 33 -9.97 5.29 0.08
N ASP A 34 -10.50 5.20 1.27
CA ASP A 34 -11.96 5.41 1.46
C ASP A 34 -12.23 6.02 2.84
N PRO A 35 -13.04 7.03 2.86
CA PRO A 35 -13.37 7.73 4.13
C PRO A 35 -14.34 6.88 4.97
N MET A 36 -15.20 6.14 4.33
CA MET A 36 -16.16 5.30 5.09
C MET A 36 -15.43 4.35 6.05
N THR A 37 -14.17 4.09 5.79
CA THR A 37 -13.42 3.17 6.70
C THR A 37 -12.19 3.89 7.28
N GLY A 38 -11.70 4.89 6.60
CA GLY A 38 -10.51 5.62 7.11
C GLY A 38 -9.23 4.89 6.67
N THR A 39 -9.35 4.04 5.69
CA THR A 39 -8.14 3.30 5.21
C THR A 39 -8.25 3.04 3.71
N PHE A 40 -7.52 2.08 3.20
CA PHE A 40 -7.59 1.79 1.74
C PHE A 40 -8.34 0.48 1.50
N ARG A 41 -9.27 0.47 0.59
CA ARG A 41 -10.04 -0.78 0.32
C ARG A 41 -9.59 -1.43 -0.98
N CYS A 42 -9.53 -2.74 -1.01
CA CYS A 42 -9.12 -3.46 -2.25
C CYS A 42 -9.88 -2.90 -3.45
N THR A 43 -9.58 -3.36 -4.64
CA THR A 43 -10.29 -2.84 -5.84
C THR A 43 -11.05 -3.97 -6.55
N PHE A 44 -10.68 -5.19 -6.31
CA PHE A 44 -11.40 -6.32 -6.98
C PHE A 44 -12.20 -7.11 -5.95
N CYS A 45 -11.68 -7.29 -4.77
CA CYS A 45 -12.43 -8.04 -3.73
C CYS A 45 -12.77 -7.10 -2.56
N HIS A 46 -12.69 -5.82 -2.81
CA HIS A 46 -13.04 -4.78 -1.79
C HIS A 46 -12.63 -5.20 -0.36
N THR A 47 -11.62 -5.99 -0.19
CA THR A 47 -11.20 -6.37 1.19
C THR A 47 -10.24 -5.31 1.74
N GLU A 48 -10.37 -4.96 3.00
CA GLU A 48 -9.45 -3.93 3.57
C GLU A 48 -7.99 -4.33 3.33
N VAL A 49 -7.18 -3.40 2.87
CA VAL A 49 -5.74 -3.72 2.62
C VAL A 49 -4.87 -3.20 3.76
N GLU A 50 -3.65 -3.66 3.85
CA GLU A 50 -2.75 -3.17 4.92
C GLU A 50 -1.33 -3.00 4.39
N GLU A 51 -0.51 -2.25 5.06
CA GLU A 51 0.88 -2.03 4.58
C GLU A 51 1.56 -3.39 4.33
N ASP A 52 2.27 -3.50 3.23
CA ASP A 52 2.95 -4.79 2.92
C ASP A 52 4.32 -4.84 3.60
N GLU A 53 4.43 -5.55 4.69
CA GLU A 53 5.75 -5.63 5.39
C GLU A 53 6.42 -6.97 5.10
N SER A 54 5.78 -7.81 4.32
CA SER A 54 6.39 -9.14 4.00
C SER A 54 7.38 -9.00 2.85
N ALA A 55 7.42 -7.86 2.21
CA ALA A 55 8.35 -7.67 1.07
C ALA A 55 9.68 -7.10 1.58
N MET A 56 9.91 -7.16 2.86
CA MET A 56 11.19 -6.63 3.40
C MET A 56 11.86 -7.66 4.31
N PRO A 57 12.01 -8.85 3.79
CA PRO A 57 12.65 -9.95 4.56
C PRO A 57 14.15 -9.72 4.67
N LYS A 58 14.83 -10.55 5.42
CA LYS A 58 16.31 -10.38 5.57
C LYS A 58 17.05 -11.62 5.05
N LYS A 59 16.37 -12.73 4.98
CA LYS A 59 17.03 -13.97 4.48
C LYS A 59 17.89 -13.66 3.25
N ASP A 60 17.50 -12.70 2.47
CA ASP A 60 18.31 -12.35 1.26
C ASP A 60 19.39 -11.33 1.63
N ALA A 61 19.00 -10.19 2.13
CA ALA A 61 20.01 -9.16 2.50
C ALA A 61 20.89 -9.68 3.64
N ARG A 62 21.62 -8.80 4.28
CA ARG A 62 22.50 -9.24 5.42
C ARG A 62 21.78 -9.05 6.75
ZN ZN B . -8.55 -8.08 -2.21
N ARG A 1 -7.75 16.04 13.49
CA ARG A 1 -6.30 15.77 13.30
C ARG A 1 -5.60 15.71 14.66
N ILE A 2 -5.18 14.54 15.08
CA ILE A 2 -4.49 14.43 16.40
C ILE A 2 -3.03 14.86 16.27
N GLU A 3 -2.22 14.54 17.25
CA GLU A 3 -0.78 14.94 17.17
C GLU A 3 0.11 13.73 17.46
N THR A 4 1.40 13.91 17.41
CA THR A 4 2.33 12.77 17.66
C THR A 4 1.92 11.57 16.81
N ASP A 5 2.20 11.62 15.54
CA ASP A 5 1.83 10.47 14.65
C ASP A 5 2.90 10.30 13.56
N GLU A 6 3.08 9.09 13.09
CA GLU A 6 4.10 8.86 12.03
C GLU A 6 3.44 8.22 10.80
N ARG A 7 4.21 7.52 10.02
CA ARG A 7 3.63 6.87 8.79
C ARG A 7 3.01 7.93 7.88
N ASP A 8 3.51 8.07 6.69
CA ASP A 8 2.94 9.08 5.75
C ASP A 8 3.44 8.83 4.33
N SER A 9 4.67 9.18 4.06
CA SER A 9 5.22 8.97 2.69
C SER A 9 4.47 9.85 1.68
N THR A 10 5.08 10.14 0.57
CA THR A 10 4.41 10.99 -0.46
C THR A 10 4.43 10.30 -1.82
N ASN A 11 5.40 9.46 -2.07
CA ASN A 11 5.47 8.77 -3.40
C ASN A 11 6.02 7.36 -3.23
N ARG A 12 5.88 6.77 -2.07
CA ARG A 12 6.41 5.39 -1.87
C ARG A 12 5.54 4.65 -0.85
N ALA A 13 4.41 4.15 -1.26
CA ALA A 13 3.52 3.42 -0.32
C ALA A 13 3.24 2.00 -0.84
N SER A 14 2.88 1.10 0.03
CA SER A 14 2.59 -0.29 -0.42
C SER A 14 1.57 -0.95 0.52
N PHE A 15 0.54 -1.54 -0.04
CA PHE A 15 -0.48 -2.20 0.82
C PHE A 15 -0.78 -3.61 0.28
N LYS A 16 -1.22 -4.49 1.14
CA LYS A 16 -1.53 -5.88 0.67
C LYS A 16 -2.93 -6.29 1.14
N CYS A 17 -3.61 -7.08 0.36
CA CYS A 17 -4.98 -7.54 0.75
C CYS A 17 -4.90 -8.93 1.37
N PRO A 18 -5.40 -9.04 2.58
CA PRO A 18 -5.39 -10.33 3.29
C PRO A 18 -6.42 -11.31 2.73
N VAL A 19 -7.30 -10.85 1.88
CA VAL A 19 -8.32 -11.78 1.31
C VAL A 19 -7.86 -12.34 -0.04
N CYS A 20 -7.87 -11.54 -1.06
CA CYS A 20 -7.43 -12.06 -2.39
C CYS A 20 -5.90 -11.95 -2.52
N SER A 21 -5.22 -11.75 -1.42
CA SER A 21 -3.72 -11.66 -1.42
C SER A 21 -3.20 -10.72 -2.50
N SER A 22 -3.96 -9.72 -2.86
CA SER A 22 -3.45 -8.76 -3.90
C SER A 22 -2.59 -7.70 -3.21
N THR A 23 -2.22 -6.66 -3.90
CA THR A 23 -1.38 -5.61 -3.25
C THR A 23 -1.56 -4.26 -3.97
N PHE A 24 -1.12 -3.20 -3.35
CA PHE A 24 -1.24 -1.85 -3.98
C PHE A 24 -0.08 -0.95 -3.55
N THR A 25 0.06 0.18 -4.20
CA THR A 25 1.17 1.11 -3.81
C THR A 25 0.62 2.52 -3.60
N ASP A 26 1.47 3.49 -3.50
CA ASP A 26 0.98 4.89 -3.30
C ASP A 26 0.00 5.26 -4.40
N LEU A 27 0.32 4.93 -5.62
CA LEU A 27 -0.60 5.27 -6.75
C LEU A 27 -1.99 4.68 -6.48
N GLU A 28 -2.03 3.46 -6.00
CA GLU A 28 -3.35 2.83 -5.70
C GLU A 28 -3.84 3.29 -4.33
N ALA A 29 -3.05 4.04 -3.63
CA ALA A 29 -3.47 4.53 -2.28
C ALA A 29 -4.47 5.67 -2.42
N ASN A 30 -4.21 6.59 -3.31
CA ASN A 30 -5.14 7.74 -3.49
C ASN A 30 -6.39 7.30 -4.26
N GLN A 31 -6.36 6.13 -4.84
CA GLN A 31 -7.55 5.66 -5.61
C GLN A 31 -8.28 4.55 -4.82
N LEU A 32 -7.69 4.07 -3.77
CA LEU A 32 -8.34 3.00 -2.97
C LEU A 32 -8.73 3.53 -1.59
N PHE A 33 -8.05 4.53 -1.12
CA PHE A 33 -8.38 5.09 0.23
C PHE A 33 -9.89 5.31 0.36
N ASP A 34 -10.41 5.16 1.55
CA ASP A 34 -11.88 5.37 1.74
C ASP A 34 -12.13 6.11 3.06
N PRO A 35 -12.99 7.09 2.99
CA PRO A 35 -13.33 7.90 4.19
C PRO A 35 -14.22 7.10 5.15
N MET A 36 -14.90 6.10 4.65
CA MET A 36 -15.79 5.29 5.54
C MET A 36 -14.95 4.43 6.48
N THR A 37 -13.78 4.04 6.07
CA THR A 37 -12.92 3.19 6.94
C THR A 37 -11.62 3.92 7.29
N GLY A 38 -11.31 4.95 6.56
CA GLY A 38 -10.05 5.72 6.85
C GLY A 38 -8.85 4.88 6.41
N THR A 39 -9.02 4.02 5.45
CA THR A 39 -7.89 3.18 4.99
C THR A 39 -8.01 2.90 3.48
N PHE A 40 -7.16 2.08 2.94
CA PHE A 40 -7.23 1.77 1.49
C PHE A 40 -8.01 0.47 1.26
N ARG A 41 -8.98 0.48 0.40
CA ARG A 41 -9.77 -0.76 0.15
C ARG A 41 -9.34 -1.43 -1.15
N CYS A 42 -9.33 -2.73 -1.17
CA CYS A 42 -8.93 -3.47 -2.40
C CYS A 42 -9.67 -2.89 -3.62
N THR A 43 -9.41 -3.39 -4.79
CA THR A 43 -10.10 -2.86 -6.00
C THR A 43 -10.82 -3.98 -6.74
N PHE A 44 -10.48 -5.21 -6.46
CA PHE A 44 -11.16 -6.34 -7.14
C PHE A 44 -12.03 -7.11 -6.14
N CYS A 45 -11.59 -7.24 -4.94
CA CYS A 45 -12.40 -7.96 -3.92
C CYS A 45 -12.78 -7.00 -2.78
N HIS A 46 -12.66 -5.72 -3.04
CA HIS A 46 -13.02 -4.67 -2.03
C HIS A 46 -12.69 -5.07 -0.59
N THR A 47 -11.67 -5.86 -0.37
CA THR A 47 -11.32 -6.22 1.03
C THR A 47 -10.35 -5.17 1.60
N GLU A 48 -10.47 -4.87 2.86
CA GLU A 48 -9.56 -3.86 3.47
C GLU A 48 -8.10 -4.31 3.37
N VAL A 49 -7.24 -3.48 2.84
CA VAL A 49 -5.81 -3.85 2.71
C VAL A 49 -4.99 -3.18 3.82
N GLU A 50 -3.83 -3.71 4.11
CA GLU A 50 -2.99 -3.11 5.18
C GLU A 50 -1.59 -2.80 4.64
N GLU A 51 -0.86 -1.93 5.30
CA GLU A 51 0.50 -1.59 4.82
C GLU A 51 1.39 -2.84 4.82
N ASP A 52 2.05 -3.10 3.73
CA ASP A 52 2.94 -4.30 3.66
C ASP A 52 4.38 -3.91 3.99
N GLU A 53 4.90 -4.39 5.09
CA GLU A 53 6.30 -4.03 5.46
C GLU A 53 7.23 -5.23 5.19
N SER A 54 6.70 -6.31 4.71
CA SER A 54 7.56 -7.50 4.42
C SER A 54 8.28 -7.32 3.09
N ALA A 55 8.02 -6.24 2.40
CA ALA A 55 8.71 -6.01 1.09
C ALA A 55 9.99 -5.21 1.30
N MET A 56 10.70 -5.47 2.37
CA MET A 56 11.96 -4.73 2.63
C MET A 56 13.02 -5.67 3.20
N PRO A 57 13.77 -6.26 2.33
CA PRO A 57 14.83 -7.21 2.75
C PRO A 57 16.01 -6.45 3.36
N LYS A 58 16.31 -6.69 4.60
CA LYS A 58 17.44 -5.98 5.27
C LYS A 58 18.66 -6.91 5.35
N LYS A 59 19.72 -6.46 5.96
CA LYS A 59 20.94 -7.31 6.07
C LYS A 59 21.53 -7.21 7.49
N ASP A 60 21.65 -6.02 8.00
CA ASP A 60 22.24 -5.85 9.36
C ASP A 60 21.40 -4.87 10.18
N ALA A 61 20.17 -5.20 10.44
CA ALA A 61 19.31 -4.27 11.24
C ALA A 61 19.79 -4.20 12.69
N ARG A 62 19.50 -5.19 13.48
CA ARG A 62 19.95 -5.18 14.90
C ARG A 62 21.26 -5.97 15.05
ZN ZN B . -8.54 -8.10 -2.26
N ARG A 1 3.15 19.60 -6.94
CA ARG A 1 2.17 20.72 -6.95
C ARG A 1 0.74 20.16 -6.88
N ILE A 2 0.55 18.94 -7.32
CA ILE A 2 -0.82 18.34 -7.28
C ILE A 2 -0.81 17.01 -6.53
N GLU A 3 0.25 16.25 -6.67
CA GLU A 3 0.32 14.94 -5.97
C GLU A 3 0.23 15.15 -4.46
N THR A 4 0.67 16.29 -3.98
CA THR A 4 0.60 16.54 -2.52
C THR A 4 -0.73 17.21 -2.15
N ASP A 5 -1.61 16.48 -1.53
CA ASP A 5 -2.93 17.06 -1.15
C ASP A 5 -3.57 16.25 -0.02
N GLU A 6 -3.78 14.98 -0.24
CA GLU A 6 -4.40 14.13 0.82
C GLU A 6 -3.40 13.91 1.96
N ARG A 7 -3.66 12.97 2.83
CA ARG A 7 -2.72 12.71 3.96
C ARG A 7 -1.85 11.49 3.63
N ASP A 8 -2.43 10.49 3.04
CA ASP A 8 -1.63 9.27 2.70
C ASP A 8 -0.86 9.49 1.40
N SER A 9 0.22 10.21 1.46
CA SER A 9 1.02 10.47 0.23
C SER A 9 2.50 10.65 0.58
N THR A 10 2.90 11.84 0.92
CA THR A 10 4.32 12.08 1.28
C THR A 10 5.24 11.63 0.14
N ASN A 11 5.59 10.38 0.10
CA ASN A 11 6.48 9.88 -0.99
C ASN A 11 5.79 8.73 -1.74
N ARG A 12 5.64 7.60 -1.10
CA ARG A 12 4.98 6.45 -1.77
C ARG A 12 4.46 5.47 -0.71
N ALA A 13 3.86 4.38 -1.13
CA ALA A 13 3.34 3.40 -0.14
C ALA A 13 3.23 2.00 -0.77
N SER A 14 2.92 1.01 0.02
CA SER A 14 2.81 -0.37 -0.53
C SER A 14 1.90 -1.21 0.37
N PHE A 15 0.62 -1.23 0.09
CA PHE A 15 -0.31 -2.03 0.94
C PHE A 15 -0.52 -3.41 0.33
N LYS A 16 -1.21 -4.27 1.04
CA LYS A 16 -1.46 -5.64 0.50
C LYS A 16 -2.81 -6.15 0.99
N CYS A 17 -3.48 -6.94 0.19
CA CYS A 17 -4.82 -7.46 0.59
C CYS A 17 -4.68 -8.86 1.22
N PRO A 18 -5.29 -9.02 2.36
CA PRO A 18 -5.23 -10.32 3.07
C PRO A 18 -6.20 -11.33 2.45
N VAL A 19 -7.16 -10.88 1.69
CA VAL A 19 -8.13 -11.83 1.08
C VAL A 19 -7.61 -12.36 -0.26
N CYS A 20 -7.63 -11.55 -1.27
CA CYS A 20 -7.14 -12.02 -2.60
C CYS A 20 -5.62 -11.85 -2.70
N SER A 21 -4.97 -11.65 -1.58
CA SER A 21 -3.47 -11.49 -1.56
C SER A 21 -2.98 -10.52 -2.63
N SER A 22 -3.80 -9.60 -3.05
CA SER A 22 -3.33 -8.62 -4.07
C SER A 22 -2.46 -7.56 -3.40
N THR A 23 -2.17 -6.48 -4.07
CA THR A 23 -1.33 -5.42 -3.44
C THR A 23 -1.55 -4.07 -4.12
N PHE A 24 -1.13 -3.00 -3.48
CA PHE A 24 -1.32 -1.65 -4.08
C PHE A 24 -0.22 -0.72 -3.59
N THR A 25 -0.06 0.41 -4.22
CA THR A 25 1.00 1.37 -3.80
C THR A 25 0.40 2.78 -3.67
N ASP A 26 1.24 3.78 -3.56
CA ASP A 26 0.72 5.17 -3.44
C ASP A 26 -0.20 5.49 -4.61
N LEU A 27 0.20 5.17 -5.81
CA LEU A 27 -0.67 5.46 -6.98
C LEU A 27 -2.03 4.79 -6.80
N GLU A 28 -2.10 3.82 -5.94
CA GLU A 28 -3.41 3.13 -5.71
C GLU A 28 -3.96 3.52 -4.33
N ALA A 29 -3.13 4.09 -3.50
CA ALA A 29 -3.60 4.49 -2.14
C ALA A 29 -4.67 5.59 -2.25
N ASN A 30 -4.62 6.38 -3.28
CA ASN A 30 -5.64 7.46 -3.43
C ASN A 30 -6.86 6.91 -4.17
N GLN A 31 -6.69 5.79 -4.81
CA GLN A 31 -7.83 5.17 -5.56
C GLN A 31 -8.48 4.08 -4.69
N LEU A 32 -7.83 3.69 -3.63
CA LEU A 32 -8.41 2.65 -2.74
C LEU A 32 -8.75 3.23 -1.37
N PHE A 33 -8.18 4.35 -1.03
CA PHE A 33 -8.47 4.97 0.30
C PHE A 33 -9.89 5.56 0.31
N ASP A 34 -10.69 5.17 1.27
CA ASP A 34 -12.07 5.72 1.34
C ASP A 34 -12.30 6.41 2.68
N PRO A 35 -12.97 7.52 2.64
CA PRO A 35 -13.27 8.30 3.86
C PRO A 35 -14.33 7.61 4.70
N MET A 36 -14.92 6.57 4.19
CA MET A 36 -15.98 5.85 4.96
C MET A 36 -15.35 5.10 6.14
N THR A 37 -14.05 5.04 6.19
CA THR A 37 -13.38 4.32 7.32
C THR A 37 -12.02 4.95 7.63
N GLY A 38 -11.31 5.36 6.62
CA GLY A 38 -9.98 5.98 6.86
C GLY A 38 -8.87 4.97 6.51
N THR A 39 -9.10 4.15 5.53
CA THR A 39 -8.07 3.14 5.15
C THR A 39 -8.14 2.86 3.65
N PHE A 40 -7.33 1.97 3.15
CA PHE A 40 -7.35 1.66 1.69
C PHE A 40 -8.13 0.37 1.45
N ARG A 41 -9.02 0.38 0.49
CA ARG A 41 -9.82 -0.85 0.21
C ARG A 41 -9.38 -1.50 -1.09
N CYS A 42 -9.32 -2.81 -1.12
CA CYS A 42 -8.91 -3.52 -2.37
C CYS A 42 -9.67 -2.92 -3.57
N THR A 43 -9.35 -3.35 -4.77
CA THR A 43 -10.08 -2.80 -5.95
C THR A 43 -10.83 -3.90 -6.69
N PHE A 44 -10.51 -5.14 -6.44
CA PHE A 44 -11.24 -6.24 -7.14
C PHE A 44 -12.05 -7.06 -6.14
N CYS A 45 -11.51 -7.27 -4.97
CA CYS A 45 -12.26 -8.06 -3.95
C CYS A 45 -12.61 -7.14 -2.76
N HIS A 46 -12.54 -5.86 -2.98
CA HIS A 46 -12.89 -4.85 -1.92
C HIS A 46 -12.53 -5.31 -0.51
N THR A 47 -11.49 -6.06 -0.33
CA THR A 47 -11.12 -6.48 1.06
C THR A 47 -10.16 -5.46 1.66
N GLU A 48 -10.42 -5.01 2.86
CA GLU A 48 -9.51 -4.01 3.50
C GLU A 48 -8.05 -4.45 3.31
N VAL A 49 -7.20 -3.54 2.91
CA VAL A 49 -5.77 -3.90 2.70
C VAL A 49 -4.91 -3.34 3.84
N GLU A 50 -3.76 -3.89 4.05
CA GLU A 50 -2.87 -3.39 5.14
C GLU A 50 -1.49 -3.05 4.58
N GLU A 51 -0.79 -2.15 5.21
CA GLU A 51 0.57 -1.76 4.70
C GLU A 51 1.46 -3.00 4.60
N ASP A 52 1.99 -3.27 3.44
CA ASP A 52 2.88 -4.46 3.28
C ASP A 52 4.29 -4.12 3.77
N GLU A 53 4.77 -4.85 4.74
CA GLU A 53 6.15 -4.58 5.26
C GLU A 53 7.19 -5.23 4.35
N SER A 54 6.76 -6.08 3.46
CA SER A 54 7.74 -6.75 2.55
C SER A 54 7.70 -6.09 1.16
N ALA A 55 6.63 -6.28 0.43
CA ALA A 55 6.54 -5.67 -0.93
C ALA A 55 7.71 -6.12 -1.79
N MET A 56 7.63 -7.29 -2.37
CA MET A 56 8.73 -7.79 -3.22
C MET A 56 8.27 -7.91 -4.68
N PRO A 57 8.68 -6.96 -5.46
CA PRO A 57 8.30 -6.96 -6.91
C PRO A 57 9.13 -8.00 -7.67
N LYS A 58 8.69 -8.36 -8.85
CA LYS A 58 9.44 -9.37 -9.64
C LYS A 58 10.88 -8.90 -9.85
N LYS A 59 11.72 -9.75 -10.39
CA LYS A 59 13.14 -9.35 -10.62
C LYS A 59 13.53 -9.58 -12.08
N ASP A 60 14.24 -8.65 -12.67
CA ASP A 60 14.65 -8.83 -14.10
C ASP A 60 16.16 -9.08 -14.19
N ALA A 61 16.56 -10.15 -14.83
CA ALA A 61 18.01 -10.45 -14.94
C ALA A 61 18.27 -11.36 -16.15
N ARG A 62 17.51 -12.41 -16.28
CA ARG A 62 17.72 -13.34 -17.43
C ARG A 62 16.59 -14.38 -17.48
ZN ZN B . -8.40 -8.13 -2.37
N ARG A 1 20.50 -1.02 11.17
CA ARG A 1 21.92 -0.88 10.74
C ARG A 1 22.30 -2.04 9.80
N ILE A 2 22.37 -3.23 10.33
CA ILE A 2 22.74 -4.40 9.48
C ILE A 2 21.91 -5.63 9.88
N GLU A 3 20.62 -5.57 9.68
CA GLU A 3 19.76 -6.73 10.04
C GLU A 3 19.40 -7.55 8.79
N THR A 4 18.80 -6.92 7.82
CA THR A 4 18.43 -7.66 6.58
C THR A 4 19.03 -6.97 5.35
N ASP A 5 18.47 -5.88 4.92
CA ASP A 5 19.00 -5.18 3.72
C ASP A 5 19.39 -3.74 4.09
N GLU A 6 19.93 -3.00 3.16
CA GLU A 6 20.32 -1.60 3.45
C GLU A 6 19.58 -0.64 2.53
N ARG A 7 19.28 0.55 3.00
CA ARG A 7 18.56 1.53 2.15
C ARG A 7 18.49 2.88 2.85
N ASP A 8 18.29 3.94 2.11
CA ASP A 8 18.23 5.29 2.74
C ASP A 8 16.77 5.72 2.92
N SER A 9 15.91 4.80 3.24
CA SER A 9 14.47 5.15 3.42
C SER A 9 13.93 5.87 2.19
N THR A 10 13.81 5.17 1.09
CA THR A 10 13.30 5.81 -0.16
C THR A 10 12.27 4.90 -0.84
N ASN A 11 11.74 3.95 -0.11
CA ASN A 11 10.73 3.03 -0.71
C ASN A 11 9.37 3.71 -0.78
N ARG A 12 8.71 3.63 -1.91
CA ARG A 12 7.37 4.27 -2.04
C ARG A 12 6.35 3.58 -1.13
N ALA A 13 5.11 3.96 -1.22
CA ALA A 13 4.07 3.31 -0.36
C ALA A 13 3.62 1.98 -0.97
N SER A 14 3.24 1.04 -0.15
CA SER A 14 2.79 -0.28 -0.69
C SER A 14 1.79 -0.92 0.26
N PHE A 15 0.70 -1.43 -0.26
CA PHE A 15 -0.31 -2.08 0.61
C PHE A 15 -0.64 -3.48 0.09
N LYS A 16 -1.01 -4.38 0.96
CA LYS A 16 -1.33 -5.76 0.51
C LYS A 16 -2.71 -6.16 1.02
N CYS A 17 -3.44 -6.91 0.24
CA CYS A 17 -4.80 -7.35 0.67
C CYS A 17 -4.73 -8.72 1.35
N PRO A 18 -5.35 -8.82 2.49
CA PRO A 18 -5.36 -10.10 3.24
C PRO A 18 -6.31 -11.13 2.62
N VAL A 19 -7.26 -10.68 1.84
CA VAL A 19 -8.22 -11.64 1.23
C VAL A 19 -7.67 -12.20 -0.08
N CYS A 20 -7.67 -11.42 -1.13
CA CYS A 20 -7.16 -11.93 -2.43
C CYS A 20 -5.63 -11.76 -2.51
N SER A 21 -4.99 -11.55 -1.39
CA SER A 21 -3.50 -11.41 -1.35
C SER A 21 -2.98 -10.49 -2.47
N SER A 22 -3.76 -9.54 -2.89
CA SER A 22 -3.27 -8.62 -3.95
C SER A 22 -2.36 -7.56 -3.31
N THR A 23 -2.12 -6.47 -3.99
CA THR A 23 -1.24 -5.42 -3.40
C THR A 23 -1.46 -4.07 -4.07
N PHE A 24 -0.99 -3.02 -3.46
CA PHE A 24 -1.18 -1.67 -4.06
C PHE A 24 -0.02 -0.75 -3.62
N THR A 25 0.10 0.39 -4.25
CA THR A 25 1.19 1.33 -3.87
C THR A 25 0.65 2.76 -3.74
N ASP A 26 1.50 3.72 -3.60
CA ASP A 26 1.03 5.13 -3.45
C ASP A 26 0.08 5.47 -4.60
N LEU A 27 0.37 5.04 -5.79
CA LEU A 27 -0.53 5.35 -6.94
C LEU A 27 -1.92 4.76 -6.68
N GLU A 28 -2.00 3.75 -5.86
CA GLU A 28 -3.32 3.13 -5.55
C GLU A 28 -3.81 3.62 -4.18
N ALA A 29 -2.95 4.27 -3.45
CA ALA A 29 -3.35 4.77 -2.10
C ALA A 29 -4.25 6.00 -2.25
N ASN A 30 -4.10 6.74 -3.31
CA ASN A 30 -4.94 7.95 -3.52
C ASN A 30 -6.22 7.58 -4.29
N GLN A 31 -6.40 6.31 -4.58
CA GLN A 31 -7.62 5.88 -5.31
C GLN A 31 -8.37 4.81 -4.53
N LEU A 32 -7.68 4.07 -3.71
CA LEU A 32 -8.35 3.00 -2.92
C LEU A 32 -8.76 3.54 -1.54
N PHE A 33 -8.12 4.58 -1.10
CA PHE A 33 -8.46 5.15 0.25
C PHE A 33 -9.94 5.54 0.30
N ASP A 34 -10.57 5.35 1.43
CA ASP A 34 -12.01 5.72 1.57
C ASP A 34 -12.26 6.30 2.96
N PRO A 35 -12.89 7.45 2.97
CA PRO A 35 -13.19 8.13 4.26
C PRO A 35 -14.34 7.43 4.99
N MET A 36 -14.86 6.37 4.42
CA MET A 36 -15.97 5.64 5.08
C MET A 36 -15.43 4.71 6.16
N THR A 37 -14.21 4.24 6.00
CA THR A 37 -13.63 3.33 7.03
C THR A 37 -12.32 3.92 7.58
N GLY A 38 -11.64 4.70 6.79
CA GLY A 38 -10.36 5.31 7.27
C GLY A 38 -9.19 4.43 6.84
N THR A 39 -9.28 3.81 5.70
CA THR A 39 -8.16 2.94 5.23
C THR A 39 -8.28 2.72 3.71
N PHE A 40 -7.35 1.98 3.14
CA PHE A 40 -7.42 1.72 1.68
C PHE A 40 -8.18 0.42 1.40
N ARG A 41 -9.16 0.47 0.54
CA ARG A 41 -9.94 -0.76 0.25
C ARG A 41 -9.45 -1.41 -1.05
N CYS A 42 -9.38 -2.72 -1.08
CA CYS A 42 -8.92 -3.43 -2.31
C CYS A 42 -9.62 -2.85 -3.54
N THR A 43 -9.26 -3.28 -4.71
CA THR A 43 -9.91 -2.74 -5.95
C THR A 43 -10.66 -3.84 -6.69
N PHE A 44 -10.35 -5.08 -6.42
CA PHE A 44 -11.06 -6.19 -7.13
C PHE A 44 -11.91 -6.99 -6.14
N CYS A 45 -11.41 -7.21 -4.96
CA CYS A 45 -12.20 -7.96 -3.95
C CYS A 45 -12.57 -7.01 -2.78
N HIS A 46 -12.50 -5.73 -3.04
CA HIS A 46 -12.85 -4.70 -2.03
C HIS A 46 -12.53 -5.12 -0.59
N THR A 47 -11.54 -5.94 -0.38
CA THR A 47 -11.20 -6.32 1.03
C THR A 47 -10.26 -5.27 1.62
N GLU A 48 -10.38 -4.99 2.88
CA GLU A 48 -9.48 -3.98 3.51
C GLU A 48 -8.02 -4.40 3.35
N VAL A 49 -7.21 -3.52 2.80
CA VAL A 49 -5.77 -3.87 2.61
C VAL A 49 -4.92 -3.27 3.74
N GLU A 50 -3.70 -3.71 3.89
CA GLU A 50 -2.83 -3.17 4.97
C GLU A 50 -1.43 -2.87 4.42
N GLU A 51 -0.81 -1.82 4.88
CA GLU A 51 0.56 -1.49 4.38
C GLU A 51 1.41 -2.75 4.26
N ASP A 52 1.97 -2.98 3.11
CA ASP A 52 2.82 -4.20 2.92
C ASP A 52 4.28 -3.90 3.27
N GLU A 53 4.80 -4.54 4.28
CA GLU A 53 6.21 -4.28 4.67
C GLU A 53 7.16 -5.19 3.88
N SER A 54 6.63 -5.94 2.94
CA SER A 54 7.49 -6.85 2.14
C SER A 54 7.46 -6.45 0.67
N ALA A 55 6.34 -6.61 0.02
CA ALA A 55 6.26 -6.24 -1.42
C ALA A 55 7.48 -6.77 -2.18
N MET A 56 7.55 -8.06 -2.38
CA MET A 56 8.72 -8.63 -3.10
C MET A 56 8.26 -9.76 -4.03
N PRO A 57 9.11 -10.08 -4.98
CA PRO A 57 8.79 -11.14 -5.96
C PRO A 57 8.93 -12.52 -5.31
N LYS A 58 10.00 -12.76 -4.61
CA LYS A 58 10.19 -14.09 -3.96
C LYS A 58 9.83 -15.22 -4.93
N LYS A 59 9.93 -14.95 -6.21
CA LYS A 59 9.59 -16.01 -7.22
C LYS A 59 10.70 -17.05 -7.28
N ASP A 60 10.49 -18.18 -6.66
CA ASP A 60 11.55 -19.25 -6.68
C ASP A 60 10.99 -20.52 -7.32
N ALA A 61 9.88 -20.42 -8.00
CA ALA A 61 9.29 -21.63 -8.66
C ALA A 61 9.23 -22.79 -7.66
N ARG A 62 8.15 -22.87 -6.92
CA ARG A 62 8.03 -23.99 -5.94
C ARG A 62 9.18 -23.94 -4.93
ZN ZN B . -8.39 -8.04 -2.28
N ARG A 1 5.61 19.54 3.68
CA ARG A 1 4.91 19.89 4.95
C ARG A 1 5.16 18.81 6.00
N ILE A 2 4.73 19.03 7.21
CA ILE A 2 4.93 18.02 8.28
C ILE A 2 3.60 17.69 8.96
N GLU A 3 3.36 16.45 9.26
CA GLU A 3 2.08 16.06 9.92
C GLU A 3 2.35 15.15 11.12
N THR A 4 2.76 15.71 12.22
CA THR A 4 3.04 14.88 13.42
C THR A 4 3.79 13.61 13.03
N ASP A 5 4.89 13.75 12.36
CA ASP A 5 5.69 12.55 11.94
C ASP A 5 4.82 11.63 11.07
N GLU A 6 5.23 10.40 10.91
CA GLU A 6 4.43 9.46 10.07
C GLU A 6 5.05 8.06 10.10
N ARG A 7 6.23 7.91 9.56
CA ARG A 7 6.89 6.57 9.56
C ARG A 7 8.42 6.74 9.51
N ASP A 8 9.12 6.02 10.33
CA ASP A 8 10.61 6.13 10.32
C ASP A 8 11.20 5.42 9.10
N SER A 9 10.39 4.68 8.39
CA SER A 9 10.89 3.97 7.19
C SER A 9 9.72 3.44 6.35
N THR A 10 9.62 3.86 5.13
CA THR A 10 8.50 3.38 4.27
C THR A 10 9.04 2.74 2.99
N ASN A 11 9.93 3.40 2.31
CA ASN A 11 10.50 2.83 1.05
C ASN A 11 9.38 2.59 0.04
N ARG A 12 8.85 3.64 -0.55
CA ARG A 12 7.76 3.46 -1.54
C ARG A 12 6.52 2.87 -0.86
N ALA A 13 5.41 3.57 -0.93
CA ALA A 13 4.17 3.04 -0.28
C ALA A 13 3.74 1.73 -0.93
N SER A 14 3.37 0.76 -0.14
CA SER A 14 2.93 -0.55 -0.71
C SER A 14 1.92 -1.22 0.21
N PHE A 15 0.70 -1.32 -0.22
CA PHE A 15 -0.35 -1.97 0.63
C PHE A 15 -0.63 -3.38 0.14
N LYS A 16 -1.09 -4.24 1.02
CA LYS A 16 -1.38 -5.64 0.60
C LYS A 16 -2.77 -6.05 1.12
N CYS A 17 -3.52 -6.74 0.31
CA CYS A 17 -4.88 -7.18 0.74
C CYS A 17 -4.80 -8.53 1.46
N PRO A 18 -5.56 -8.64 2.51
CA PRO A 18 -5.58 -9.89 3.32
C PRO A 18 -6.49 -10.96 2.69
N VAL A 19 -7.43 -10.57 1.87
CA VAL A 19 -8.34 -11.58 1.26
C VAL A 19 -7.75 -12.14 -0.03
N CYS A 20 -7.72 -11.36 -1.08
CA CYS A 20 -7.17 -11.88 -2.36
C CYS A 20 -5.65 -11.71 -2.40
N SER A 21 -5.05 -11.45 -1.26
CA SER A 21 -3.57 -11.31 -1.16
C SER A 21 -3.01 -10.42 -2.28
N SER A 22 -3.77 -9.48 -2.75
CA SER A 22 -3.25 -8.57 -3.82
C SER A 22 -2.33 -7.52 -3.20
N THR A 23 -2.01 -6.48 -3.92
CA THR A 23 -1.13 -5.43 -3.33
C THR A 23 -1.32 -4.09 -4.06
N PHE A 24 -0.91 -3.02 -3.45
CA PHE A 24 -1.06 -1.69 -4.08
C PHE A 24 0.04 -0.75 -3.62
N THR A 25 0.21 0.38 -4.25
CA THR A 25 1.26 1.33 -3.83
C THR A 25 0.66 2.72 -3.60
N ASP A 26 1.48 3.70 -3.35
CA ASP A 26 0.94 5.07 -3.11
C ASP A 26 0.03 5.48 -4.27
N LEU A 27 0.45 5.28 -5.48
CA LEU A 27 -0.41 5.65 -6.64
C LEU A 27 -1.79 4.99 -6.49
N GLU A 28 -1.84 3.87 -5.81
CA GLU A 28 -3.14 3.19 -5.61
C GLU A 28 -3.80 3.67 -4.32
N ALA A 29 -3.02 4.22 -3.43
CA ALA A 29 -3.57 4.71 -2.14
C ALA A 29 -4.54 5.87 -2.40
N ASN A 30 -4.33 6.62 -3.44
CA ASN A 30 -5.25 7.76 -3.74
C ASN A 30 -6.52 7.27 -4.42
N GLN A 31 -6.49 6.07 -4.96
CA GLN A 31 -7.71 5.54 -5.64
C GLN A 31 -8.32 4.40 -4.82
N LEU A 32 -7.69 4.03 -3.73
CA LEU A 32 -8.23 2.93 -2.89
C LEU A 32 -8.55 3.46 -1.49
N PHE A 33 -8.03 4.61 -1.15
CA PHE A 33 -8.31 5.18 0.20
C PHE A 33 -9.80 5.46 0.37
N ASP A 34 -10.38 4.99 1.44
CA ASP A 34 -11.83 5.23 1.68
C ASP A 34 -12.03 5.97 3.01
N PRO A 35 -12.83 7.00 2.97
CA PRO A 35 -13.11 7.80 4.18
C PRO A 35 -14.04 7.03 5.12
N MET A 36 -14.66 5.99 4.64
CA MET A 36 -15.58 5.21 5.51
C MET A 36 -14.79 4.30 6.45
N THR A 37 -13.55 4.04 6.13
CA THR A 37 -12.73 3.15 7.01
C THR A 37 -11.41 3.84 7.36
N GLY A 38 -11.20 5.03 6.87
CA GLY A 38 -9.93 5.76 7.19
C GLY A 38 -8.74 4.95 6.68
N THR A 39 -8.96 4.09 5.71
CA THR A 39 -7.85 3.27 5.17
C THR A 39 -8.02 3.06 3.67
N PHE A 40 -7.32 2.11 3.11
CA PHE A 40 -7.45 1.85 1.65
C PHE A 40 -8.22 0.56 1.41
N ARG A 41 -9.14 0.57 0.48
CA ARG A 41 -9.92 -0.67 0.20
C ARG A 41 -9.43 -1.35 -1.08
N CYS A 42 -9.44 -2.66 -1.09
CA CYS A 42 -8.99 -3.39 -2.31
C CYS A 42 -9.71 -2.83 -3.54
N THR A 43 -9.37 -3.31 -4.71
CA THR A 43 -10.03 -2.79 -5.94
C THR A 43 -10.78 -3.92 -6.66
N PHE A 44 -10.43 -5.15 -6.40
CA PHE A 44 -11.14 -6.28 -7.08
C PHE A 44 -11.98 -7.06 -6.06
N CYS A 45 -11.47 -7.24 -4.87
CA CYS A 45 -12.24 -7.99 -3.85
C CYS A 45 -12.61 -7.04 -2.68
N HIS A 46 -12.55 -5.76 -2.95
CA HIS A 46 -12.91 -4.73 -1.92
C HIS A 46 -12.59 -5.16 -0.49
N THR A 47 -11.56 -5.93 -0.28
CA THR A 47 -11.22 -6.32 1.11
C THR A 47 -10.27 -5.29 1.73
N GLU A 48 -10.51 -4.89 2.94
CA GLU A 48 -9.60 -3.88 3.58
C GLU A 48 -8.13 -4.29 3.38
N VAL A 49 -7.37 -3.46 2.70
CA VAL A 49 -5.94 -3.80 2.46
C VAL A 49 -5.07 -3.33 3.64
N GLU A 50 -3.92 -3.90 3.81
CA GLU A 50 -3.04 -3.49 4.93
C GLU A 50 -1.62 -3.19 4.41
N GLU A 51 -0.97 -2.19 4.95
CA GLU A 51 0.41 -1.86 4.48
C GLU A 51 1.30 -3.10 4.54
N ASP A 52 2.06 -3.36 3.51
CA ASP A 52 2.95 -4.55 3.51
C ASP A 52 4.34 -4.16 4.04
N GLU A 53 4.68 -4.58 5.22
CA GLU A 53 6.01 -4.23 5.79
C GLU A 53 7.08 -5.17 5.22
N SER A 54 6.68 -6.22 4.57
CA SER A 54 7.67 -7.18 4.00
C SER A 54 7.80 -6.96 2.49
N ALA A 55 7.63 -5.74 2.04
CA ALA A 55 7.74 -5.46 0.58
C ALA A 55 9.21 -5.38 0.17
N MET A 56 9.81 -6.50 -0.14
CA MET A 56 11.25 -6.48 -0.55
C MET A 56 11.48 -7.53 -1.64
N PRO A 57 11.03 -7.20 -2.83
CA PRO A 57 11.19 -8.13 -3.99
C PRO A 57 12.65 -8.16 -4.45
N LYS A 58 12.89 -8.59 -5.65
CA LYS A 58 14.29 -8.66 -6.17
C LYS A 58 14.86 -7.25 -6.34
N LYS A 59 15.97 -6.97 -5.71
CA LYS A 59 16.58 -5.62 -5.83
C LYS A 59 17.52 -5.57 -7.04
N ASP A 60 17.64 -4.44 -7.68
CA ASP A 60 18.55 -4.35 -8.87
C ASP A 60 19.93 -3.85 -8.43
N ALA A 61 20.89 -3.91 -9.32
CA ALA A 61 22.25 -3.43 -8.97
C ALA A 61 22.21 -1.95 -8.55
N ARG A 62 21.63 -1.12 -9.36
CA ARG A 62 21.56 0.33 -9.00
C ARG A 62 20.52 0.55 -7.90
ZN ZN B . -8.43 -8.01 -2.22
N ARG A 1 -6.58 15.65 17.91
CA ARG A 1 -5.16 15.55 17.48
C ARG A 1 -5.09 15.08 16.02
N ILE A 2 -5.01 16.00 15.10
CA ILE A 2 -4.94 15.61 13.66
C ILE A 2 -3.50 15.33 13.25
N GLU A 3 -2.63 15.20 14.21
CA GLU A 3 -1.19 14.92 13.88
C GLU A 3 -0.70 15.89 12.80
N THR A 4 -0.05 16.96 13.20
CA THR A 4 0.45 17.93 12.20
C THR A 4 1.79 17.46 11.63
N ASP A 5 2.40 16.49 12.25
CA ASP A 5 3.71 15.99 11.74
C ASP A 5 3.55 14.56 11.21
N GLU A 6 3.10 14.42 9.98
CA GLU A 6 2.91 13.05 9.42
C GLU A 6 3.67 12.93 8.09
N ARG A 7 4.14 14.02 7.55
CA ARG A 7 4.89 13.96 6.26
C ARG A 7 6.27 13.35 6.48
N ASP A 8 7.16 14.07 7.11
CA ASP A 8 8.52 13.54 7.36
C ASP A 8 9.08 12.87 6.10
N SER A 9 8.92 11.58 5.97
CA SER A 9 9.43 10.88 4.75
C SER A 9 8.58 9.66 4.44
N THR A 10 7.52 9.84 3.69
CA THR A 10 6.64 8.68 3.36
C THR A 10 6.29 8.72 1.86
N ASN A 11 7.28 8.59 1.01
CA ASN A 11 6.99 8.62 -0.46
C ASN A 11 6.68 7.21 -0.96
N ARG A 12 7.32 6.21 -0.41
CA ARG A 12 7.05 4.82 -0.86
C ARG A 12 5.83 4.24 -0.12
N ALA A 13 4.79 3.93 -0.84
CA ALA A 13 3.57 3.37 -0.18
C ALA A 13 3.26 1.98 -0.75
N SER A 14 3.02 1.03 0.10
CA SER A 14 2.70 -0.35 -0.40
C SER A 14 1.67 -1.01 0.50
N PHE A 15 0.58 -1.46 -0.05
CA PHE A 15 -0.48 -2.11 0.77
C PHE A 15 -0.77 -3.52 0.24
N LYS A 16 -1.15 -4.43 1.10
CA LYS A 16 -1.45 -5.81 0.65
C LYS A 16 -2.84 -6.24 1.14
N CYS A 17 -3.56 -6.97 0.34
CA CYS A 17 -4.91 -7.43 0.76
C CYS A 17 -4.82 -8.79 1.46
N PRO A 18 -5.54 -8.90 2.55
CA PRO A 18 -5.54 -10.16 3.33
C PRO A 18 -6.44 -11.23 2.70
N VAL A 19 -7.42 -10.83 1.94
CA VAL A 19 -8.32 -11.84 1.31
C VAL A 19 -7.74 -12.38 0.01
N CYS A 20 -7.73 -11.59 -1.03
CA CYS A 20 -7.19 -12.09 -2.33
C CYS A 20 -5.66 -11.89 -2.38
N SER A 21 -5.05 -11.67 -1.23
CA SER A 21 -3.57 -11.50 -1.17
C SER A 21 -3.05 -10.55 -2.26
N SER A 22 -3.88 -9.68 -2.77
CA SER A 22 -3.40 -8.74 -3.81
C SER A 22 -2.54 -7.65 -3.15
N THR A 23 -2.14 -6.66 -3.89
CA THR A 23 -1.29 -5.59 -3.27
C THR A 23 -1.48 -4.26 -4.00
N PHE A 24 -1.07 -3.18 -3.38
CA PHE A 24 -1.22 -1.85 -4.02
C PHE A 24 -0.04 -0.94 -3.61
N THR A 25 0.02 0.24 -4.16
CA THR A 25 1.12 1.18 -3.81
C THR A 25 0.55 2.57 -3.53
N ASP A 26 1.37 3.58 -3.63
CA ASP A 26 0.86 4.97 -3.38
C ASP A 26 -0.16 5.35 -4.45
N LEU A 27 0.15 5.11 -5.69
CA LEU A 27 -0.82 5.47 -6.77
C LEU A 27 -2.18 4.82 -6.48
N GLU A 28 -2.17 3.59 -6.04
CA GLU A 28 -3.45 2.91 -5.73
C GLU A 28 -3.95 3.36 -4.35
N ALA A 29 -3.10 4.00 -3.59
CA ALA A 29 -3.51 4.47 -2.24
C ALA A 29 -4.43 5.68 -2.35
N ASN A 30 -4.21 6.52 -3.33
CA ASN A 30 -5.08 7.72 -3.50
C ASN A 30 -6.39 7.34 -4.19
N GLN A 31 -6.47 6.15 -4.72
CA GLN A 31 -7.73 5.72 -5.41
C GLN A 31 -8.46 4.67 -4.57
N LEU A 32 -7.74 3.91 -3.79
CA LEU A 32 -8.39 2.87 -2.94
C LEU A 32 -8.77 3.46 -1.58
N PHE A 33 -8.05 4.45 -1.14
CA PHE A 33 -8.36 5.06 0.19
C PHE A 33 -9.77 5.66 0.16
N ASP A 34 -10.62 5.24 1.06
CA ASP A 34 -12.01 5.80 1.09
C ASP A 34 -12.28 6.49 2.43
N PRO A 35 -12.98 7.59 2.36
CA PRO A 35 -13.32 8.37 3.57
C PRO A 35 -14.42 7.65 4.38
N MET A 36 -14.86 6.51 3.91
CA MET A 36 -15.93 5.77 4.65
C MET A 36 -15.34 5.08 5.89
N THR A 37 -14.04 5.12 6.04
CA THR A 37 -13.41 4.47 7.22
C THR A 37 -12.04 5.09 7.50
N GLY A 38 -11.28 5.35 6.48
CA GLY A 38 -9.93 5.95 6.68
C GLY A 38 -8.85 4.94 6.30
N THR A 39 -9.10 4.14 5.30
CA THR A 39 -8.08 3.14 4.87
C THR A 39 -8.24 2.81 3.38
N PHE A 40 -7.33 2.05 2.84
CA PHE A 40 -7.43 1.70 1.40
C PHE A 40 -8.20 0.39 1.22
N ARG A 41 -9.17 0.37 0.36
CA ARG A 41 -9.95 -0.88 0.16
C ARG A 41 -9.53 -1.57 -1.14
N CYS A 42 -9.43 -2.86 -1.13
CA CYS A 42 -9.03 -3.61 -2.35
C CYS A 42 -9.78 -3.06 -3.57
N THR A 43 -9.42 -3.48 -4.75
CA THR A 43 -10.11 -2.98 -5.98
C THR A 43 -10.80 -4.12 -6.71
N PHE A 44 -10.46 -5.35 -6.40
CA PHE A 44 -11.12 -6.50 -7.09
C PHE A 44 -11.95 -7.30 -6.10
N CYS A 45 -11.49 -7.43 -4.89
CA CYS A 45 -12.28 -8.20 -3.89
C CYS A 45 -12.69 -7.26 -2.73
N HIS A 46 -12.59 -5.97 -2.96
CA HIS A 46 -12.98 -4.96 -1.94
C HIS A 46 -12.65 -5.38 -0.51
N THR A 47 -11.60 -6.12 -0.29
CA THR A 47 -11.25 -6.51 1.10
C THR A 47 -10.28 -5.49 1.70
N GLU A 48 -10.53 -5.05 2.91
CA GLU A 48 -9.62 -4.06 3.54
C GLU A 48 -8.16 -4.50 3.35
N VAL A 49 -7.30 -3.60 2.93
CA VAL A 49 -5.88 -3.99 2.72
C VAL A 49 -5.02 -3.51 3.90
N GLU A 50 -3.82 -4.02 4.01
CA GLU A 50 -2.94 -3.60 5.13
C GLU A 50 -1.53 -3.25 4.60
N GLU A 51 -0.99 -2.14 5.01
CA GLU A 51 0.37 -1.76 4.53
C GLU A 51 1.31 -2.96 4.59
N ASP A 52 1.78 -3.42 3.46
CA ASP A 52 2.70 -4.59 3.45
C ASP A 52 4.14 -4.15 3.72
N GLU A 53 4.61 -4.39 4.91
CA GLU A 53 6.02 -3.98 5.23
C GLU A 53 7.00 -4.98 4.60
N SER A 54 6.51 -6.10 4.15
CA SER A 54 7.41 -7.10 3.51
C SER A 54 7.42 -6.92 1.99
N ALA A 55 7.51 -5.71 1.52
CA ALA A 55 7.52 -5.48 0.05
C ALA A 55 8.95 -5.24 -0.43
N MET A 56 9.75 -6.27 -0.48
CA MET A 56 11.16 -6.10 -0.95
C MET A 56 11.44 -7.03 -2.13
N PRO A 57 10.92 -6.64 -3.27
CA PRO A 57 11.11 -7.45 -4.50
C PRO A 57 12.55 -7.31 -5.01
N LYS A 58 13.34 -6.50 -4.37
CA LYS A 58 14.75 -6.33 -4.83
C LYS A 58 14.78 -5.80 -6.26
N LYS A 59 14.59 -6.66 -7.22
CA LYS A 59 14.60 -6.21 -8.64
C LYS A 59 13.26 -6.51 -9.31
N ASP A 60 12.48 -5.51 -9.60
CA ASP A 60 11.17 -5.74 -10.25
C ASP A 60 11.36 -6.11 -11.72
N ALA A 61 10.30 -6.53 -12.39
CA ALA A 61 10.43 -6.90 -13.83
C ALA A 61 11.32 -8.13 -13.98
N ARG A 62 10.74 -9.25 -14.32
CA ARG A 62 11.55 -10.50 -14.49
C ARG A 62 11.76 -10.79 -15.98
ZN ZN B . -8.46 -8.23 -2.22
N ARG A 1 12.22 -5.51 -13.85
CA ARG A 1 13.27 -4.73 -13.12
C ARG A 1 14.44 -4.43 -14.05
N ILE A 2 14.75 -3.17 -14.24
CA ILE A 2 15.88 -2.81 -15.14
C ILE A 2 16.85 -1.87 -14.41
N GLU A 3 17.05 -2.08 -13.14
CA GLU A 3 17.99 -1.21 -12.37
C GLU A 3 17.50 0.25 -12.40
N THR A 4 16.67 0.62 -11.47
CA THR A 4 16.16 2.02 -11.44
C THR A 4 15.56 2.41 -12.79
N ASP A 5 15.38 3.68 -13.02
CA ASP A 5 14.80 4.12 -14.33
C ASP A 5 15.05 5.62 -14.54
N GLU A 6 14.85 6.41 -13.52
CA GLU A 6 15.07 7.88 -13.67
C GLU A 6 15.09 8.56 -12.30
N ARG A 7 14.02 8.46 -11.57
CA ARG A 7 13.97 9.09 -10.22
C ARG A 7 14.41 8.08 -9.15
N ASP A 8 15.24 8.49 -8.23
CA ASP A 8 15.69 7.55 -7.17
C ASP A 8 14.56 7.27 -6.18
N SER A 9 13.49 6.70 -6.65
CA SER A 9 12.34 6.40 -5.73
C SER A 9 11.91 4.94 -5.87
N THR A 10 11.78 4.24 -4.79
CA THR A 10 11.35 2.81 -4.86
C THR A 10 10.51 2.44 -3.64
N ASN A 11 10.87 2.97 -2.49
CA ASN A 11 10.10 2.65 -1.25
C ASN A 11 8.63 3.08 -1.43
N ARG A 12 8.38 4.36 -1.52
CA ARG A 12 6.99 4.84 -1.69
C ARG A 12 6.04 4.05 -0.77
N ALA A 13 4.76 4.15 -1.01
CA ALA A 13 3.79 3.41 -0.15
C ALA A 13 3.49 2.04 -0.76
N SER A 14 3.14 1.08 0.07
CA SER A 14 2.84 -0.28 -0.47
C SER A 14 1.80 -0.98 0.41
N PHE A 15 0.63 -1.22 -0.11
CA PHE A 15 -0.42 -1.90 0.69
C PHE A 15 -0.72 -3.28 0.10
N LYS A 16 -1.10 -4.22 0.91
CA LYS A 16 -1.41 -5.58 0.40
C LYS A 16 -2.77 -6.05 0.91
N CYS A 17 -3.47 -6.81 0.12
CA CYS A 17 -4.81 -7.30 0.54
C CYS A 17 -4.70 -8.68 1.20
N PRO A 18 -5.35 -8.84 2.32
CA PRO A 18 -5.30 -10.11 3.07
C PRO A 18 -6.21 -11.18 2.43
N VAL A 19 -7.16 -10.79 1.63
CA VAL A 19 -8.06 -11.80 1.01
C VAL A 19 -7.50 -12.29 -0.33
N CYS A 20 -7.52 -11.46 -1.35
CA CYS A 20 -6.99 -11.92 -2.66
C CYS A 20 -5.47 -11.69 -2.74
N SER A 21 -4.85 -11.47 -1.60
CA SER A 21 -3.36 -11.27 -1.55
C SER A 21 -2.87 -10.31 -2.64
N SER A 22 -3.71 -9.41 -3.08
CA SER A 22 -3.24 -8.45 -4.12
C SER A 22 -2.34 -7.40 -3.47
N THR A 23 -2.04 -6.34 -4.15
CA THR A 23 -1.16 -5.30 -3.54
C THR A 23 -1.40 -3.93 -4.18
N PHE A 24 -1.03 -2.88 -3.50
CA PHE A 24 -1.24 -1.52 -4.06
C PHE A 24 -0.13 -0.58 -3.57
N THR A 25 0.02 0.55 -4.19
CA THR A 25 1.07 1.51 -3.77
C THR A 25 0.48 2.92 -3.69
N ASP A 26 1.30 3.90 -3.46
CA ASP A 26 0.77 5.30 -3.38
C ASP A 26 -0.12 5.60 -4.59
N LEU A 27 0.29 5.18 -5.76
CA LEU A 27 -0.54 5.43 -6.96
C LEU A 27 -1.91 4.79 -6.78
N GLU A 28 -2.01 3.82 -5.91
CA GLU A 28 -3.32 3.15 -5.67
C GLU A 28 -3.89 3.61 -4.32
N ALA A 29 -3.05 3.91 -3.38
CA ALA A 29 -3.55 4.37 -2.06
C ALA A 29 -4.57 5.50 -2.24
N ASN A 30 -4.43 6.26 -3.29
CA ASN A 30 -5.39 7.37 -3.53
C ASN A 30 -6.68 6.85 -4.16
N GLN A 31 -6.62 5.75 -4.87
CA GLN A 31 -7.85 5.20 -5.51
C GLN A 31 -8.47 4.13 -4.61
N LEU A 32 -7.74 3.63 -3.65
CA LEU A 32 -8.30 2.59 -2.75
C LEU A 32 -8.60 3.20 -1.38
N PHE A 33 -8.05 4.35 -1.09
CA PHE A 33 -8.31 4.99 0.24
C PHE A 33 -9.73 5.56 0.29
N ASP A 34 -10.48 5.19 1.28
CA ASP A 34 -11.87 5.72 1.40
C ASP A 34 -12.03 6.50 2.71
N PRO A 35 -12.76 7.58 2.63
CA PRO A 35 -12.98 8.44 3.82
C PRO A 35 -13.95 7.76 4.80
N MET A 36 -14.88 6.99 4.29
CA MET A 36 -15.84 6.30 5.20
C MET A 36 -15.11 5.46 6.24
N THR A 37 -13.97 4.92 5.88
CA THR A 37 -13.20 4.10 6.86
C THR A 37 -11.87 4.76 7.20
N GLY A 38 -11.36 5.56 6.30
CA GLY A 38 -10.06 6.25 6.58
C GLY A 38 -8.90 5.31 6.22
N THR A 39 -9.19 4.22 5.56
CA THR A 39 -8.09 3.27 5.19
C THR A 39 -8.15 2.98 3.68
N PHE A 40 -7.46 1.96 3.24
CA PHE A 40 -7.47 1.63 1.78
C PHE A 40 -8.28 0.35 1.55
N ARG A 41 -9.10 0.33 0.53
CA ARG A 41 -9.91 -0.89 0.26
C ARG A 41 -9.49 -1.51 -1.07
N CYS A 42 -9.39 -2.81 -1.11
CA CYS A 42 -9.01 -3.50 -2.37
C CYS A 42 -9.77 -2.90 -3.55
N THR A 43 -9.40 -3.26 -4.76
CA THR A 43 -10.10 -2.71 -5.94
C THR A 43 -10.88 -3.80 -6.68
N PHE A 44 -10.56 -5.04 -6.44
CA PHE A 44 -11.30 -6.14 -7.14
C PHE A 44 -12.07 -6.99 -6.13
N CYS A 45 -11.51 -7.22 -4.98
CA CYS A 45 -12.24 -8.02 -3.95
C CYS A 45 -12.56 -7.13 -2.75
N HIS A 46 -12.54 -5.84 -2.96
CA HIS A 46 -12.86 -4.84 -1.88
C HIS A 46 -12.52 -5.33 -0.48
N THR A 47 -11.49 -6.11 -0.31
CA THR A 47 -11.13 -6.57 1.06
C THR A 47 -10.19 -5.55 1.70
N GLU A 48 -10.47 -5.12 2.90
CA GLU A 48 -9.58 -4.12 3.56
C GLU A 48 -8.12 -4.52 3.38
N VAL A 49 -7.34 -3.70 2.72
CA VAL A 49 -5.90 -4.03 2.51
C VAL A 49 -5.06 -3.55 3.68
N GLU A 50 -3.88 -4.07 3.83
CA GLU A 50 -2.99 -3.64 4.95
C GLU A 50 -1.64 -3.19 4.41
N GLU A 51 -0.95 -2.34 5.11
CA GLU A 51 0.38 -1.86 4.62
C GLU A 51 1.34 -3.05 4.46
N ASP A 52 2.09 -3.08 3.40
CA ASP A 52 3.05 -4.21 3.19
C ASP A 52 4.40 -3.87 3.81
N GLU A 53 4.67 -4.37 4.98
CA GLU A 53 5.97 -4.08 5.64
C GLU A 53 7.01 -5.15 5.26
N SER A 54 6.83 -5.78 4.13
CA SER A 54 7.80 -6.84 3.70
C SER A 54 8.52 -6.40 2.43
N ALA A 55 8.43 -5.14 2.09
CA ALA A 55 9.12 -4.65 0.85
C ALA A 55 9.80 -3.31 1.12
N MET A 56 10.83 -3.32 1.92
CA MET A 56 11.55 -2.04 2.22
C MET A 56 13.01 -2.31 2.58
N PRO A 57 13.66 -3.04 1.72
CA PRO A 57 15.09 -3.37 1.94
C PRO A 57 15.98 -2.16 1.64
N LYS A 58 15.96 -1.17 2.49
CA LYS A 58 16.79 0.04 2.26
C LYS A 58 18.28 -0.29 2.41
N LYS A 59 18.59 -1.31 3.18
CA LYS A 59 20.02 -1.68 3.38
C LYS A 59 20.56 -2.40 2.14
N ASP A 60 20.61 -1.71 1.03
CA ASP A 60 21.13 -2.35 -0.21
C ASP A 60 22.32 -1.55 -0.77
N ALA A 61 22.12 -0.28 -0.99
CA ALA A 61 23.23 0.56 -1.53
C ALA A 61 22.94 2.04 -1.29
N ARG A 62 23.18 2.52 -0.10
CA ARG A 62 22.92 3.96 0.20
C ARG A 62 24.04 4.83 -0.38
ZN ZN B . -8.38 -8.09 -2.41
N ARG A 1 14.90 27.52 -7.26
CA ARG A 1 14.87 28.85 -6.58
C ARG A 1 13.54 29.04 -5.84
N ILE A 2 12.52 29.48 -6.53
CA ILE A 2 11.20 29.68 -5.87
C ILE A 2 10.30 28.48 -6.13
N GLU A 3 9.72 27.93 -5.09
CA GLU A 3 8.83 26.75 -5.28
C GLU A 3 7.92 26.58 -4.05
N THR A 4 6.67 26.24 -4.26
CA THR A 4 5.74 26.06 -3.11
C THR A 4 5.80 24.61 -2.62
N ASP A 5 4.98 23.76 -3.16
CA ASP A 5 4.98 22.34 -2.73
C ASP A 5 6.23 21.62 -3.27
N GLU A 6 6.74 20.67 -2.55
CA GLU A 6 7.95 19.93 -3.02
C GLU A 6 7.64 18.45 -3.22
N ARG A 7 8.64 17.66 -3.49
CA ARG A 7 8.41 16.20 -3.69
C ARG A 7 9.72 15.43 -3.58
N ASP A 8 9.77 14.44 -2.74
CA ASP A 8 11.03 13.65 -2.57
C ASP A 8 10.86 12.24 -3.15
N SER A 9 9.83 11.55 -2.75
CA SER A 9 9.61 10.17 -3.27
C SER A 9 8.12 9.81 -3.21
N THR A 10 7.43 9.89 -4.32
CA THR A 10 5.99 9.55 -4.32
C THR A 10 5.79 8.06 -4.60
N ASN A 11 6.64 7.23 -4.07
CA ASN A 11 6.50 5.76 -4.31
C ASN A 11 6.98 4.98 -3.08
N ARG A 12 6.53 5.34 -1.91
CA ARG A 12 6.97 4.61 -0.69
C ARG A 12 5.78 3.92 -0.02
N ALA A 13 4.65 3.88 -0.69
CA ALA A 13 3.46 3.21 -0.10
C ALA A 13 3.26 1.82 -0.72
N SER A 14 2.96 0.84 0.08
CA SER A 14 2.75 -0.53 -0.47
C SER A 14 1.75 -1.29 0.40
N PHE A 15 0.53 -1.39 -0.03
CA PHE A 15 -0.50 -2.11 0.79
C PHE A 15 -0.72 -3.53 0.23
N LYS A 16 -1.11 -4.45 1.07
CA LYS A 16 -1.36 -5.83 0.60
C LYS A 16 -2.73 -6.29 1.08
N CYS A 17 -3.45 -7.00 0.26
CA CYS A 17 -4.80 -7.48 0.67
C CYS A 17 -4.71 -8.86 1.31
N PRO A 18 -5.34 -9.00 2.45
CA PRO A 18 -5.32 -10.29 3.18
C PRO A 18 -6.28 -11.31 2.54
N VAL A 19 -7.25 -10.86 1.79
CA VAL A 19 -8.21 -11.82 1.17
C VAL A 19 -7.66 -12.35 -0.16
N CYS A 20 -7.68 -11.55 -1.19
CA CYS A 20 -7.16 -12.05 -2.50
C CYS A 20 -5.64 -11.88 -2.58
N SER A 21 -4.99 -11.68 -1.46
CA SER A 21 -3.51 -11.53 -1.43
C SER A 21 -3.00 -10.57 -2.50
N SER A 22 -3.80 -9.63 -2.91
CA SER A 22 -3.32 -8.66 -3.94
C SER A 22 -2.49 -7.58 -3.24
N THR A 23 -2.06 -6.58 -3.96
CA THR A 23 -1.26 -5.51 -3.31
C THR A 23 -1.47 -4.18 -4.02
N PHE A 24 -1.05 -3.10 -3.41
CA PHE A 24 -1.22 -1.77 -4.05
C PHE A 24 -0.08 -0.84 -3.65
N THR A 25 0.03 0.30 -4.28
CA THR A 25 1.12 1.25 -3.95
C THR A 25 0.54 2.66 -3.72
N ASP A 26 1.34 3.68 -3.84
CA ASP A 26 0.82 5.05 -3.63
C ASP A 26 -0.21 5.40 -4.71
N LEU A 27 0.08 5.06 -5.93
CA LEU A 27 -0.88 5.35 -7.03
C LEU A 27 -2.23 4.72 -6.69
N GLU A 28 -2.23 3.53 -6.18
CA GLU A 28 -3.51 2.85 -5.82
C GLU A 28 -3.96 3.31 -4.43
N ALA A 29 -3.09 3.92 -3.69
CA ALA A 29 -3.47 4.38 -2.32
C ALA A 29 -4.41 5.58 -2.40
N ASN A 30 -4.09 6.56 -3.20
CA ASN A 30 -4.97 7.75 -3.32
C ASN A 30 -6.31 7.36 -3.97
N GLN A 31 -6.37 6.20 -4.56
CA GLN A 31 -7.65 5.78 -5.21
C GLN A 31 -8.33 4.67 -4.40
N LEU A 32 -7.57 3.88 -3.69
CA LEU A 32 -8.18 2.78 -2.87
C LEU A 32 -8.56 3.31 -1.49
N PHE A 33 -7.95 4.38 -1.06
CA PHE A 33 -8.26 4.94 0.28
C PHE A 33 -9.76 5.23 0.39
N ASP A 34 -10.33 5.04 1.56
CA ASP A 34 -11.79 5.30 1.73
C ASP A 34 -12.01 6.25 2.92
N PRO A 35 -12.82 7.25 2.69
CA PRO A 35 -13.11 8.24 3.75
C PRO A 35 -14.12 7.66 4.74
N MET A 36 -14.88 6.68 4.34
CA MET A 36 -15.87 6.08 5.28
C MET A 36 -15.17 5.30 6.39
N THR A 37 -14.04 4.71 6.08
CA THR A 37 -13.30 3.92 7.12
C THR A 37 -11.93 4.54 7.37
N GLY A 38 -11.48 5.41 6.49
CA GLY A 38 -10.16 6.05 6.69
C GLY A 38 -9.04 5.03 6.40
N THR A 39 -9.24 4.19 5.43
CA THR A 39 -8.19 3.17 5.10
C THR A 39 -8.24 2.85 3.60
N PHE A 40 -7.36 1.99 3.15
CA PHE A 40 -7.36 1.64 1.70
C PHE A 40 -8.12 0.33 1.49
N ARG A 41 -9.05 0.33 0.57
CA ARG A 41 -9.83 -0.91 0.33
C ARG A 41 -9.41 -1.56 -1.01
N CYS A 42 -9.33 -2.86 -1.04
CA CYS A 42 -8.94 -3.55 -2.29
C CYS A 42 -9.69 -2.97 -3.49
N THR A 43 -9.36 -3.37 -4.68
CA THR A 43 -10.06 -2.82 -5.87
C THR A 43 -10.79 -3.94 -6.62
N PHE A 44 -10.46 -5.18 -6.35
CA PHE A 44 -11.15 -6.30 -7.06
C PHE A 44 -11.97 -7.11 -6.06
N CYS A 45 -11.48 -7.30 -4.87
CA CYS A 45 -12.24 -8.07 -3.87
C CYS A 45 -12.60 -7.16 -2.68
N HIS A 46 -12.55 -5.86 -2.91
CA HIS A 46 -12.89 -4.85 -1.86
C HIS A 46 -12.54 -5.30 -0.44
N THR A 47 -11.51 -6.08 -0.26
CA THR A 47 -11.14 -6.49 1.11
C THR A 47 -10.18 -5.47 1.72
N GLU A 48 -10.46 -5.03 2.92
CA GLU A 48 -9.55 -4.03 3.56
C GLU A 48 -8.09 -4.49 3.45
N VAL A 49 -7.24 -3.66 2.93
CA VAL A 49 -5.80 -4.06 2.79
C VAL A 49 -4.99 -3.54 3.98
N GLU A 50 -3.73 -3.89 4.04
CA GLU A 50 -2.88 -3.42 5.17
C GLU A 50 -1.45 -3.18 4.67
N GLU A 51 -0.72 -2.33 5.35
CA GLU A 51 0.68 -2.06 4.90
C GLU A 51 1.45 -3.37 4.74
N ASP A 52 2.17 -3.51 3.66
CA ASP A 52 2.94 -4.78 3.44
C ASP A 52 4.25 -4.74 4.23
N GLU A 53 4.31 -5.45 5.32
CA GLU A 53 5.56 -5.46 6.14
C GLU A 53 6.67 -6.19 5.39
N SER A 54 6.32 -7.04 4.45
CA SER A 54 7.34 -7.79 3.69
C SER A 54 7.77 -7.00 2.45
N ALA A 55 7.62 -5.70 2.49
CA ALA A 55 8.01 -4.87 1.31
C ALA A 55 9.54 -4.68 1.28
N MET A 56 10.06 -3.95 2.22
CA MET A 56 11.53 -3.71 2.26
C MET A 56 12.21 -4.81 3.07
N PRO A 57 13.01 -5.60 2.39
CA PRO A 57 13.73 -6.72 3.06
C PRO A 57 14.87 -6.17 3.93
N LYS A 58 15.81 -7.00 4.28
CA LYS A 58 16.94 -6.53 5.13
C LYS A 58 16.42 -5.98 6.45
N LYS A 59 15.60 -6.72 7.13
CA LYS A 59 15.04 -6.25 8.43
C LYS A 59 14.71 -7.44 9.33
N ASP A 60 14.87 -7.28 10.62
CA ASP A 60 14.56 -8.41 11.55
C ASP A 60 15.55 -9.57 11.33
N ALA A 61 15.81 -10.33 12.34
CA ALA A 61 16.77 -11.48 12.18
C ALA A 61 16.16 -12.75 12.78
N ARG A 62 15.45 -13.50 11.98
CA ARG A 62 14.83 -14.77 12.49
C ARG A 62 15.92 -15.79 12.81
ZN ZN B . -8.39 -8.18 -2.28
N ARG A 1 -5.36 8.92 -17.93
CA ARG A 1 -4.73 10.23 -18.27
C ARG A 1 -5.41 11.37 -17.50
N ILE A 2 -4.91 11.70 -16.35
CA ILE A 2 -5.53 12.80 -15.55
C ILE A 2 -4.48 13.85 -15.21
N GLU A 3 -4.82 15.11 -15.33
CA GLU A 3 -3.84 16.18 -15.01
C GLU A 3 -3.30 16.01 -13.58
N THR A 4 -2.06 16.35 -13.35
CA THR A 4 -1.50 16.21 -11.98
C THR A 4 -1.47 17.56 -11.28
N ASP A 5 -2.23 17.71 -10.22
CA ASP A 5 -2.24 19.01 -9.49
C ASP A 5 -1.35 18.93 -8.25
N GLU A 6 -0.63 17.86 -8.08
CA GLU A 6 0.26 17.73 -6.90
C GLU A 6 1.72 18.00 -7.30
N ARG A 7 2.53 18.42 -6.37
CA ARG A 7 3.96 18.70 -6.69
C ARG A 7 4.80 17.43 -6.51
N ASP A 8 5.19 17.14 -5.31
CA ASP A 8 6.01 15.91 -5.07
C ASP A 8 5.57 15.23 -3.77
N SER A 9 4.34 15.42 -3.38
CA SER A 9 3.85 14.77 -2.13
C SER A 9 2.97 13.56 -2.46
N THR A 10 3.51 12.59 -3.14
CA THR A 10 2.72 11.38 -3.50
C THR A 10 3.02 10.24 -2.53
N ASN A 11 3.88 10.47 -1.58
CA ASN A 11 4.23 9.39 -0.61
C ASN A 11 4.70 8.14 -1.35
N ARG A 12 4.95 7.07 -0.65
CA ARG A 12 5.41 5.83 -1.33
C ARG A 12 5.27 4.62 -0.39
N ALA A 13 4.17 3.92 -0.47
CA ALA A 13 3.97 2.73 0.41
C ALA A 13 3.19 1.65 -0.33
N SER A 14 3.40 0.41 0.03
CA SER A 14 2.67 -0.69 -0.66
C SER A 14 1.67 -1.33 0.30
N PHE A 15 0.43 -1.43 -0.12
CA PHE A 15 -0.60 -2.06 0.76
C PHE A 15 -0.97 -3.45 0.21
N LYS A 16 -1.16 -4.40 1.08
CA LYS A 16 -1.52 -5.77 0.61
C LYS A 16 -2.88 -6.19 1.15
N CYS A 17 -3.65 -6.87 0.34
CA CYS A 17 -5.00 -7.32 0.79
C CYS A 17 -4.91 -8.67 1.49
N PRO A 18 -5.54 -8.76 2.62
CA PRO A 18 -5.51 -10.02 3.41
C PRO A 18 -6.45 -11.07 2.83
N VAL A 19 -7.42 -10.67 2.04
CA VAL A 19 -8.38 -11.67 1.47
C VAL A 19 -7.84 -12.25 0.16
N CYS A 20 -7.85 -11.49 -0.90
CA CYS A 20 -7.35 -12.03 -2.20
C CYS A 20 -5.82 -11.86 -2.30
N SER A 21 -5.18 -11.59 -1.19
CA SER A 21 -3.69 -11.45 -1.16
C SER A 21 -3.18 -10.52 -2.28
N SER A 22 -3.97 -9.59 -2.71
CA SER A 22 -3.50 -8.65 -3.77
C SER A 22 -2.59 -7.59 -3.14
N THR A 23 -2.23 -6.57 -3.87
CA THR A 23 -1.34 -5.53 -3.30
C THR A 23 -1.47 -4.21 -4.07
N PHE A 24 -1.00 -3.14 -3.49
CA PHE A 24 -1.08 -1.81 -4.16
C PHE A 24 0.04 -0.89 -3.66
N THR A 25 0.15 0.28 -4.23
CA THR A 25 1.23 1.22 -3.78
C THR A 25 0.66 2.63 -3.60
N ASP A 26 1.51 3.62 -3.52
CA ASP A 26 1.01 5.01 -3.33
C ASP A 26 0.05 5.39 -4.46
N LEU A 27 0.43 5.19 -5.69
CA LEU A 27 -0.48 5.55 -6.81
C LEU A 27 -1.83 4.87 -6.60
N GLU A 28 -1.85 3.79 -5.87
CA GLU A 28 -3.13 3.08 -5.61
C GLU A 28 -3.68 3.48 -4.24
N ALA A 29 -2.84 4.02 -3.39
CA ALA A 29 -3.29 4.45 -2.04
C ALA A 29 -4.20 5.68 -2.16
N ASN A 30 -3.84 6.61 -3.01
CA ASN A 30 -4.68 7.82 -3.17
C ASN A 30 -5.93 7.50 -4.00
N GLN A 31 -6.02 6.29 -4.51
CA GLN A 31 -7.22 5.92 -5.32
C GLN A 31 -8.02 4.82 -4.60
N LEU A 32 -7.37 4.03 -3.80
CA LEU A 32 -8.10 2.94 -3.07
C LEU A 32 -8.47 3.40 -1.66
N PHE A 33 -8.16 4.63 -1.32
CA PHE A 33 -8.49 5.13 0.04
C PHE A 33 -10.00 5.37 0.16
N ASP A 34 -10.53 5.25 1.36
CA ASP A 34 -11.99 5.47 1.56
C ASP A 34 -12.23 6.16 2.91
N PRO A 35 -13.13 7.10 2.91
CA PRO A 35 -13.47 7.84 4.15
C PRO A 35 -14.28 6.96 5.11
N MET A 36 -15.15 6.15 4.59
CA MET A 36 -15.97 5.27 5.49
C MET A 36 -15.05 4.39 6.36
N THR A 37 -13.99 3.89 5.78
CA THR A 37 -13.06 3.03 6.58
C THR A 37 -11.80 3.81 6.95
N GLY A 38 -11.60 4.95 6.35
CA GLY A 38 -10.39 5.77 6.68
C GLY A 38 -9.15 5.03 6.22
N THR A 39 -9.30 4.02 5.42
CA THR A 39 -8.11 3.25 4.93
C THR A 39 -8.25 2.92 3.45
N PHE A 40 -7.33 2.18 2.90
CA PHE A 40 -7.42 1.82 1.46
C PHE A 40 -8.18 0.50 1.29
N ARG A 41 -9.13 0.46 0.40
CA ARG A 41 -9.91 -0.80 0.20
C ARG A 41 -9.49 -1.49 -1.09
N CYS A 42 -9.50 -2.79 -1.10
CA CYS A 42 -9.12 -3.55 -2.32
C CYS A 42 -9.85 -2.98 -3.54
N THR A 43 -9.57 -3.50 -4.71
CA THR A 43 -10.26 -2.99 -5.93
C THR A 43 -11.06 -4.12 -6.60
N PHE A 44 -10.74 -5.35 -6.33
CA PHE A 44 -11.49 -6.46 -6.96
C PHE A 44 -12.29 -7.22 -5.90
N CYS A 45 -11.73 -7.41 -4.75
CA CYS A 45 -12.47 -8.13 -3.67
C CYS A 45 -12.77 -7.14 -2.53
N HIS A 46 -12.71 -5.87 -2.84
CA HIS A 46 -13.02 -4.79 -1.85
C HIS A 46 -12.68 -5.17 -0.41
N THR A 47 -11.67 -5.97 -0.19
CA THR A 47 -11.29 -6.32 1.20
C THR A 47 -10.32 -5.28 1.75
N GLU A 48 -10.36 -5.02 3.04
CA GLU A 48 -9.43 -4.00 3.62
C GLU A 48 -7.97 -4.42 3.39
N VAL A 49 -7.19 -3.55 2.80
CA VAL A 49 -5.75 -3.89 2.56
C VAL A 49 -4.90 -3.51 3.77
N GLU A 50 -3.60 -3.68 3.68
CA GLU A 50 -2.73 -3.32 4.82
C GLU A 50 -1.30 -3.04 4.33
N GLU A 51 -0.67 -2.02 4.85
CA GLU A 51 0.72 -1.69 4.40
C GLU A 51 1.57 -2.96 4.42
N ASP A 52 2.27 -3.22 3.34
CA ASP A 52 3.12 -4.44 3.28
C ASP A 52 4.54 -4.14 3.78
N GLU A 53 4.87 -4.61 4.95
CA GLU A 53 6.24 -4.36 5.48
C GLU A 53 7.00 -5.68 5.63
N SER A 54 6.57 -6.70 4.96
CA SER A 54 7.27 -8.02 5.05
C SER A 54 6.72 -9.00 4.01
N ALA A 55 6.44 -8.52 2.83
CA ALA A 55 5.90 -9.44 1.77
C ALA A 55 6.19 -8.86 0.39
N MET A 56 7.34 -8.29 0.20
CA MET A 56 7.67 -7.70 -1.14
C MET A 56 7.84 -8.81 -2.17
N PRO A 57 7.06 -8.73 -3.22
CA PRO A 57 7.13 -9.75 -4.30
C PRO A 57 8.36 -9.51 -5.18
N LYS A 58 9.53 -9.60 -4.62
CA LYS A 58 10.77 -9.39 -5.43
C LYS A 58 12.02 -9.63 -4.59
N LYS A 59 11.97 -9.29 -3.33
CA LYS A 59 13.17 -9.51 -2.45
C LYS A 59 12.74 -10.03 -1.08
N ASP A 60 13.05 -11.26 -0.77
CA ASP A 60 12.66 -11.81 0.55
C ASP A 60 13.44 -11.11 1.66
N ALA A 61 12.80 -10.80 2.75
CA ALA A 61 13.50 -10.11 3.87
C ALA A 61 14.11 -8.78 3.39
N ARG A 62 13.61 -8.26 2.30
CA ARG A 62 14.15 -6.98 1.77
C ARG A 62 15.65 -7.12 1.48
ZN ZN B . -8.61 -8.16 -2.11
N ARG A 1 27.80 -2.28 3.87
CA ARG A 1 28.72 -2.45 2.72
C ARG A 1 27.98 -2.14 1.40
N ILE A 2 26.89 -2.81 1.15
CA ILE A 2 26.12 -2.54 -0.10
C ILE A 2 24.90 -1.67 0.20
N GLU A 3 25.02 -0.76 1.13
CA GLU A 3 23.87 0.12 1.46
C GLU A 3 24.28 1.15 2.52
N THR A 4 23.36 1.60 3.31
CA THR A 4 23.69 2.61 4.35
C THR A 4 24.47 3.77 3.73
N ASP A 5 23.90 4.43 2.75
CA ASP A 5 24.61 5.56 2.11
C ASP A 5 23.86 6.87 2.36
N GLU A 6 22.61 6.94 1.99
CA GLU A 6 21.82 8.19 2.22
C GLU A 6 20.33 7.92 2.03
N ARG A 7 19.51 8.88 2.34
CA ARG A 7 18.03 8.69 2.18
C ARG A 7 17.35 10.03 1.92
N ASP A 8 16.29 10.03 1.16
CA ASP A 8 15.57 11.30 0.87
C ASP A 8 14.06 11.08 0.87
N SER A 9 13.61 10.02 0.27
CA SER A 9 12.14 9.74 0.24
C SER A 9 11.88 8.33 -0.28
N THR A 10 12.63 7.37 0.17
CA THR A 10 12.42 5.97 -0.29
C THR A 10 11.23 5.35 0.44
N ASN A 11 10.69 6.04 1.40
CA ASN A 11 9.52 5.49 2.15
C ASN A 11 8.29 5.43 1.24
N ARG A 12 8.37 4.68 0.18
CA ARG A 12 7.21 4.57 -0.75
C ARG A 12 5.99 3.99 -0.02
N ALA A 13 4.94 3.68 -0.72
CA ALA A 13 3.73 3.11 -0.07
C ALA A 13 3.34 1.79 -0.73
N SER A 14 3.12 0.77 0.05
CA SER A 14 2.72 -0.55 -0.54
C SER A 14 1.72 -1.25 0.38
N PHE A 15 0.53 -1.48 -0.10
CA PHE A 15 -0.50 -2.16 0.74
C PHE A 15 -0.79 -3.57 0.20
N LYS A 16 -1.07 -4.50 1.06
CA LYS A 16 -1.36 -5.87 0.59
C LYS A 16 -2.74 -6.32 1.10
N CYS A 17 -3.46 -7.07 0.29
CA CYS A 17 -4.81 -7.54 0.71
C CYS A 17 -4.70 -8.93 1.34
N PRO A 18 -5.38 -9.10 2.45
CA PRO A 18 -5.35 -10.39 3.18
C PRO A 18 -6.30 -11.40 2.53
N VAL A 19 -7.29 -10.95 1.82
CA VAL A 19 -8.24 -11.91 1.18
C VAL A 19 -7.71 -12.45 -0.13
N CYS A 20 -7.65 -11.64 -1.15
CA CYS A 20 -7.14 -12.14 -2.46
C CYS A 20 -5.62 -11.99 -2.54
N SER A 21 -4.99 -11.77 -1.41
CA SER A 21 -3.49 -11.64 -1.36
C SER A 21 -2.97 -10.70 -2.44
N SER A 22 -3.73 -9.72 -2.83
CA SER A 22 -3.24 -8.77 -3.87
C SER A 22 -2.39 -7.68 -3.20
N THR A 23 -1.94 -6.72 -3.94
CA THR A 23 -1.12 -5.63 -3.33
C THR A 23 -1.36 -4.30 -4.05
N PHE A 24 -0.97 -3.22 -3.43
CA PHE A 24 -1.18 -1.88 -4.05
C PHE A 24 -0.04 -0.94 -3.63
N THR A 25 -0.04 0.26 -4.16
CA THR A 25 1.03 1.22 -3.79
C THR A 25 0.42 2.60 -3.51
N ASP A 26 1.23 3.63 -3.51
CA ASP A 26 0.68 4.99 -3.25
C ASP A 26 -0.32 5.37 -4.35
N LEU A 27 0.02 5.14 -5.59
CA LEU A 27 -0.93 5.48 -6.69
C LEU A 27 -2.27 4.79 -6.42
N GLU A 28 -2.24 3.59 -5.94
CA GLU A 28 -3.50 2.87 -5.64
C GLU A 28 -4.05 3.31 -4.29
N ALA A 29 -3.26 4.02 -3.53
CA ALA A 29 -3.72 4.51 -2.20
C ALA A 29 -4.66 5.70 -2.37
N ASN A 30 -4.40 6.52 -3.36
CA ASN A 30 -5.27 7.71 -3.59
C ASN A 30 -6.56 7.28 -4.32
N GLN A 31 -6.61 6.06 -4.77
CA GLN A 31 -7.84 5.58 -5.48
C GLN A 31 -8.56 4.53 -4.64
N LEU A 32 -7.87 3.89 -3.74
CA LEU A 32 -8.52 2.86 -2.88
C LEU A 32 -8.88 3.44 -1.52
N PHE A 33 -8.11 4.40 -1.06
CA PHE A 33 -8.39 5.03 0.26
C PHE A 33 -9.82 5.60 0.29
N ASP A 34 -10.58 5.24 1.29
CA ASP A 34 -11.97 5.76 1.39
C ASP A 34 -12.12 6.62 2.65
N PRO A 35 -12.79 7.74 2.49
CA PRO A 35 -13.00 8.66 3.63
C PRO A 35 -14.04 8.10 4.60
N MET A 36 -14.55 6.93 4.34
CA MET A 36 -15.57 6.34 5.25
C MET A 36 -14.91 5.38 6.24
N THR A 37 -13.72 4.92 5.93
CA THR A 37 -13.03 3.97 6.87
C THR A 37 -11.60 4.47 7.15
N GLY A 38 -11.20 5.54 6.53
CA GLY A 38 -9.83 6.06 6.77
C GLY A 38 -8.80 4.99 6.42
N THR A 39 -9.08 4.17 5.44
CA THR A 39 -8.11 3.10 5.06
C THR A 39 -8.23 2.80 3.56
N PHE A 40 -7.34 2.00 3.04
CA PHE A 40 -7.40 1.68 1.58
C PHE A 40 -8.15 0.36 1.36
N ARG A 41 -9.06 0.33 0.42
CA ARG A 41 -9.83 -0.93 0.18
C ARG A 41 -9.36 -1.61 -1.11
N CYS A 42 -9.36 -2.91 -1.12
CA CYS A 42 -8.93 -3.65 -2.35
C CYS A 42 -9.64 -3.09 -3.58
N THR A 43 -9.32 -3.58 -4.75
CA THR A 43 -10.00 -3.06 -5.98
C THR A 43 -10.78 -4.18 -6.68
N PHE A 44 -10.46 -5.41 -6.41
CA PHE A 44 -11.20 -6.53 -7.08
C PHE A 44 -12.01 -7.31 -6.06
N CYS A 45 -11.47 -7.51 -4.89
CA CYS A 45 -12.23 -8.26 -3.85
C CYS A 45 -12.57 -7.31 -2.68
N HIS A 46 -12.53 -6.03 -2.96
CA HIS A 46 -12.87 -4.98 -1.94
C HIS A 46 -12.57 -5.42 -0.51
N THR A 47 -11.53 -6.18 -0.29
CA THR A 47 -11.21 -6.59 1.10
C THR A 47 -10.27 -5.55 1.72
N GLU A 48 -10.49 -5.19 2.96
CA GLU A 48 -9.60 -4.18 3.61
C GLU A 48 -8.14 -4.60 3.46
N VAL A 49 -7.30 -3.70 3.01
CA VAL A 49 -5.86 -4.06 2.85
C VAL A 49 -5.05 -3.56 4.05
N GLU A 50 -3.75 -3.67 3.98
CA GLU A 50 -2.89 -3.21 5.11
C GLU A 50 -1.48 -2.89 4.61
N GLU A 51 -0.90 -1.83 5.07
CA GLU A 51 0.48 -1.48 4.62
C GLU A 51 1.38 -2.72 4.66
N ASP A 52 2.05 -3.01 3.57
CA ASP A 52 2.95 -4.20 3.54
C ASP A 52 4.38 -3.80 3.89
N GLU A 53 4.85 -4.21 5.04
CA GLU A 53 6.24 -3.85 5.45
C GLU A 53 7.23 -4.89 4.92
N SER A 54 6.74 -6.01 4.46
CA SER A 54 7.66 -7.07 3.94
C SER A 54 7.82 -6.92 2.42
N ALA A 55 6.85 -7.35 1.67
CA ALA A 55 6.94 -7.23 0.18
C ALA A 55 8.25 -7.86 -0.32
N MET A 56 8.72 -8.89 0.34
CA MET A 56 9.99 -9.54 -0.10
C MET A 56 9.94 -11.05 0.17
N PRO A 57 10.87 -11.75 -0.42
CA PRO A 57 10.94 -13.22 -0.24
C PRO A 57 11.44 -13.57 1.16
N LYS A 58 11.39 -14.82 1.53
CA LYS A 58 11.88 -15.21 2.90
C LYS A 58 13.29 -14.66 3.13
N LYS A 59 14.30 -15.43 2.81
CA LYS A 59 15.70 -14.95 3.02
C LYS A 59 16.70 -16.02 2.56
N ASP A 60 16.85 -17.06 3.33
CA ASP A 60 17.82 -18.13 2.94
C ASP A 60 17.39 -19.48 3.53
N ALA A 61 17.42 -19.60 4.83
CA ALA A 61 17.00 -20.89 5.46
C ALA A 61 15.48 -21.06 5.41
N ARG A 62 15.00 -22.26 5.52
CA ARG A 62 13.53 -22.48 5.48
C ARG A 62 12.94 -22.39 6.89
ZN ZN B . -8.39 -8.27 -2.24
N ARG A 1 5.38 25.64 -9.91
CA ARG A 1 4.97 24.37 -9.23
C ARG A 1 5.39 23.16 -10.07
N ILE A 2 6.66 22.90 -10.16
CA ILE A 2 7.13 21.73 -10.96
C ILE A 2 7.74 20.66 -10.05
N GLU A 3 7.46 19.42 -10.32
CA GLU A 3 8.02 18.33 -9.47
C GLU A 3 8.65 17.25 -10.34
N THR A 4 9.74 16.68 -9.90
CA THR A 4 10.41 15.62 -10.71
C THR A 4 10.45 14.30 -9.94
N ASP A 5 9.39 13.55 -9.99
CA ASP A 5 9.36 12.24 -9.26
C ASP A 5 9.34 11.09 -10.26
N GLU A 6 10.49 10.56 -10.60
CA GLU A 6 10.54 9.42 -11.57
C GLU A 6 11.86 8.66 -11.44
N ARG A 7 12.37 8.54 -10.25
CA ARG A 7 13.65 7.80 -10.06
C ARG A 7 13.41 6.29 -10.16
N ASP A 8 14.44 5.50 -9.99
CA ASP A 8 14.27 4.02 -10.06
C ASP A 8 14.33 3.41 -8.67
N SER A 9 13.78 4.06 -7.70
CA SER A 9 13.81 3.52 -6.30
C SER A 9 12.98 4.39 -5.36
N THR A 10 11.90 4.95 -5.86
CA THR A 10 11.04 5.81 -4.99
C THR A 10 10.45 4.98 -3.85
N ASN A 11 9.64 4.01 -4.17
CA ASN A 11 9.02 3.16 -3.11
C ASN A 11 8.57 4.03 -1.94
N ARG A 12 7.39 4.59 -2.02
CA ARG A 12 6.90 5.44 -0.91
C ARG A 12 5.76 4.75 -0.16
N ALA A 13 4.81 4.23 -0.87
CA ALA A 13 3.66 3.54 -0.19
C ALA A 13 3.47 2.14 -0.78
N SER A 14 3.23 1.17 0.07
CA SER A 14 3.02 -0.22 -0.42
C SER A 14 2.07 -0.97 0.51
N PHE A 15 0.92 -1.35 0.01
CA PHE A 15 -0.06 -2.07 0.87
C PHE A 15 -0.33 -3.47 0.30
N LYS A 16 -1.10 -4.26 1.01
CA LYS A 16 -1.41 -5.64 0.51
C LYS A 16 -2.79 -6.08 1.00
N CYS A 17 -3.50 -6.83 0.20
CA CYS A 17 -4.85 -7.29 0.61
C CYS A 17 -4.76 -8.68 1.26
N PRO A 18 -5.41 -8.81 2.39
CA PRO A 18 -5.40 -10.10 3.13
C PRO A 18 -6.36 -11.11 2.50
N VAL A 19 -7.36 -10.65 1.78
CA VAL A 19 -8.33 -11.60 1.17
C VAL A 19 -7.80 -12.15 -0.16
N CYS A 20 -7.79 -11.36 -1.19
CA CYS A 20 -7.29 -11.87 -2.50
C CYS A 20 -5.76 -11.73 -2.59
N SER A 21 -5.12 -11.51 -1.47
CA SER A 21 -3.63 -11.40 -1.44
C SER A 21 -3.11 -10.46 -2.53
N SER A 22 -3.89 -9.52 -2.97
CA SER A 22 -3.39 -8.58 -4.01
C SER A 22 -2.49 -7.54 -3.35
N THR A 23 -2.10 -6.51 -4.05
CA THR A 23 -1.23 -5.49 -3.44
C THR A 23 -1.39 -4.14 -4.13
N PHE A 24 -0.99 -3.09 -3.48
CA PHE A 24 -1.12 -1.73 -4.10
C PHE A 24 0.00 -0.82 -3.59
N THR A 25 0.20 0.30 -4.23
CA THR A 25 1.26 1.24 -3.79
C THR A 25 0.69 2.66 -3.68
N ASP A 26 1.54 3.64 -3.53
CA ASP A 26 1.04 5.03 -3.42
C ASP A 26 0.09 5.36 -4.58
N LEU A 27 0.44 4.98 -5.78
CA LEU A 27 -0.46 5.27 -6.93
C LEU A 27 -1.85 4.70 -6.67
N GLU A 28 -1.95 3.74 -5.78
CA GLU A 28 -3.28 3.14 -5.47
C GLU A 28 -3.80 3.68 -4.13
N ALA A 29 -2.93 4.27 -3.35
CA ALA A 29 -3.37 4.81 -2.03
C ALA A 29 -4.31 5.99 -2.22
N ASN A 30 -4.13 6.75 -3.26
CA ASN A 30 -5.03 7.92 -3.49
C ASN A 30 -6.34 7.48 -4.13
N GLN A 31 -6.43 6.22 -4.50
CA GLN A 31 -7.69 5.73 -5.13
C GLN A 31 -8.31 4.62 -4.28
N LEU A 32 -7.50 3.88 -3.56
CA LEU A 32 -8.05 2.78 -2.72
C LEU A 32 -8.50 3.34 -1.36
N PHE A 33 -8.02 4.50 -1.00
CA PHE A 33 -8.40 5.08 0.33
C PHE A 33 -9.92 5.32 0.40
N ASP A 34 -10.54 4.87 1.45
CA ASP A 34 -12.01 5.09 1.59
C ASP A 34 -12.28 6.11 2.70
N PRO A 35 -13.01 7.14 2.36
CA PRO A 35 -13.34 8.20 3.33
C PRO A 35 -14.35 7.71 4.37
N MET A 36 -14.75 6.48 4.28
CA MET A 36 -15.75 5.94 5.26
C MET A 36 -15.03 5.08 6.30
N THR A 37 -13.93 4.49 5.95
CA THR A 37 -13.19 3.63 6.93
C THR A 37 -11.83 4.24 7.25
N GLY A 38 -11.47 5.30 6.57
CA GLY A 38 -10.14 5.94 6.84
C GLY A 38 -9.02 4.97 6.44
N THR A 39 -9.29 4.07 5.55
CA THR A 39 -8.24 3.10 5.12
C THR A 39 -8.32 2.84 3.62
N PHE A 40 -7.42 2.06 3.09
CA PHE A 40 -7.45 1.78 1.63
C PHE A 40 -8.21 0.46 1.36
N ARG A 41 -9.20 0.50 0.52
CA ARG A 41 -9.97 -0.73 0.22
C ARG A 41 -9.49 -1.36 -1.10
N CYS A 42 -9.43 -2.66 -1.14
CA CYS A 42 -8.99 -3.36 -2.38
C CYS A 42 -9.71 -2.77 -3.60
N THR A 43 -9.38 -3.22 -4.78
CA THR A 43 -10.06 -2.67 -5.99
C THR A 43 -10.83 -3.78 -6.72
N PHE A 44 -10.52 -5.02 -6.47
CA PHE A 44 -11.26 -6.11 -7.17
C PHE A 44 -12.07 -6.92 -6.15
N CYS A 45 -11.54 -7.13 -4.98
CA CYS A 45 -12.30 -7.89 -3.96
C CYS A 45 -12.65 -6.95 -2.79
N HIS A 46 -12.61 -5.68 -3.05
CA HIS A 46 -12.96 -4.63 -2.03
C HIS A 46 -12.61 -5.05 -0.60
N THR A 47 -11.59 -5.84 -0.41
CA THR A 47 -11.21 -6.23 0.98
C THR A 47 -10.29 -5.16 1.58
N GLU A 48 -10.31 -4.99 2.87
CA GLU A 48 -9.44 -3.95 3.49
C GLU A 48 -7.96 -4.35 3.32
N VAL A 49 -7.17 -3.46 2.78
CA VAL A 49 -5.73 -3.79 2.58
C VAL A 49 -4.89 -3.23 3.73
N GLU A 50 -3.70 -3.73 3.90
CA GLU A 50 -2.83 -3.22 5.01
C GLU A 50 -1.43 -2.91 4.46
N GLU A 51 -0.72 -2.03 5.11
CA GLU A 51 0.66 -1.68 4.62
C GLU A 51 1.48 -2.95 4.40
N ASP A 52 2.20 -3.01 3.30
CA ASP A 52 3.03 -4.21 3.03
C ASP A 52 4.50 -3.91 3.26
N GLU A 53 5.00 -4.14 4.45
CA GLU A 53 6.43 -3.86 4.74
C GLU A 53 7.32 -4.92 4.08
N SER A 54 6.74 -5.88 3.41
CA SER A 54 7.57 -6.92 2.76
C SER A 54 7.31 -6.94 1.25
N ALA A 55 7.41 -5.81 0.61
CA ALA A 55 7.16 -5.76 -0.86
C ALA A 55 8.33 -5.08 -1.57
N MET A 56 9.43 -5.77 -1.72
CA MET A 56 10.60 -5.16 -2.40
C MET A 56 11.11 -6.09 -3.50
N PRO A 57 11.38 -5.50 -4.64
CA PRO A 57 11.89 -6.28 -5.79
C PRO A 57 13.35 -6.69 -5.56
N LYS A 58 13.60 -7.47 -4.54
CA LYS A 58 14.99 -7.90 -4.25
C LYS A 58 15.23 -9.31 -4.79
N LYS A 59 16.45 -9.64 -5.11
CA LYS A 59 16.76 -11.00 -5.64
C LYS A 59 18.27 -11.20 -5.74
N ASP A 60 18.89 -11.67 -4.69
CA ASP A 60 20.37 -11.89 -4.73
C ASP A 60 21.08 -10.57 -5.04
N ALA A 61 20.89 -9.57 -4.21
CA ALA A 61 21.56 -8.27 -4.46
C ALA A 61 21.30 -7.80 -5.89
N ARG A 62 20.34 -6.94 -6.07
CA ARG A 62 20.04 -6.44 -7.45
C ARG A 62 19.17 -5.18 -7.39
ZN ZN B . -8.45 -7.97 -2.35
N ARG A 1 27.41 -1.23 10.34
CA ARG A 1 26.78 -1.98 11.46
C ARG A 1 25.70 -1.12 12.12
N ILE A 2 26.07 0.03 12.63
CA ILE A 2 25.07 0.91 13.30
C ILE A 2 24.31 1.73 12.25
N GLU A 3 25.02 2.37 11.37
CA GLU A 3 24.34 3.19 10.31
C GLU A 3 23.31 2.35 9.57
N THR A 4 23.74 1.35 8.85
CA THR A 4 22.77 0.50 8.09
C THR A 4 21.80 1.37 7.29
N ASP A 5 20.69 0.81 6.88
CA ASP A 5 19.72 1.62 6.09
C ASP A 5 19.00 2.62 7.01
N GLU A 6 19.00 3.87 6.64
CA GLU A 6 18.33 4.90 7.48
C GLU A 6 16.80 4.78 7.33
N ARG A 7 16.27 5.21 6.21
CA ARG A 7 14.80 5.13 6.00
C ARG A 7 14.47 5.40 4.53
N ASP A 8 13.26 5.17 4.12
CA ASP A 8 12.88 5.43 2.71
C ASP A 8 11.55 6.19 2.64
N SER A 9 10.57 5.75 3.38
CA SER A 9 9.25 6.44 3.36
C SER A 9 8.40 5.98 4.55
N THR A 10 7.63 6.88 5.12
CA THR A 10 6.78 6.49 6.28
C THR A 10 5.32 6.84 6.01
N ASN A 11 5.06 7.64 5.01
CA ASN A 11 3.66 8.02 4.69
C ASN A 11 3.14 7.21 3.50
N ARG A 12 3.53 7.58 2.31
CA ARG A 12 3.07 6.84 1.11
C ARG A 12 3.85 5.52 0.98
N ALA A 13 3.16 4.43 0.78
CA ALA A 13 3.86 3.12 0.64
C ALA A 13 2.99 2.13 -0.14
N SER A 14 3.18 0.86 0.10
CA SER A 14 2.35 -0.16 -0.63
C SER A 14 1.43 -0.89 0.34
N PHE A 15 0.29 -1.32 -0.13
CA PHE A 15 -0.67 -2.03 0.76
C PHE A 15 -0.99 -3.41 0.17
N LYS A 16 -1.17 -4.39 1.03
CA LYS A 16 -1.50 -5.74 0.52
C LYS A 16 -2.86 -6.19 1.06
N CYS A 17 -3.60 -6.93 0.27
CA CYS A 17 -4.94 -7.39 0.71
C CYS A 17 -4.84 -8.79 1.33
N PRO A 18 -5.39 -8.93 2.49
CA PRO A 18 -5.36 -10.24 3.20
C PRO A 18 -6.36 -11.24 2.61
N VAL A 19 -7.29 -10.78 1.82
CA VAL A 19 -8.29 -11.74 1.22
C VAL A 19 -7.80 -12.26 -0.12
N CYS A 20 -7.83 -11.47 -1.14
CA CYS A 20 -7.38 -11.95 -2.48
C CYS A 20 -5.86 -11.81 -2.61
N SER A 21 -5.19 -11.61 -1.50
CA SER A 21 -3.68 -11.50 -1.50
C SER A 21 -3.17 -10.57 -2.60
N SER A 22 -3.91 -9.54 -2.92
CA SER A 22 -3.44 -8.59 -3.96
C SER A 22 -2.52 -7.55 -3.31
N THR A 23 -2.15 -6.51 -4.01
CA THR A 23 -1.26 -5.49 -3.40
C THR A 23 -1.39 -4.16 -4.13
N PHE A 24 -0.94 -3.09 -3.53
CA PHE A 24 -1.04 -1.76 -4.18
C PHE A 24 0.10 -0.85 -3.73
N THR A 25 0.30 0.25 -4.42
CA THR A 25 1.38 1.19 -4.03
C THR A 25 0.78 2.56 -3.71
N ASP A 26 1.58 3.53 -3.40
CA ASP A 26 1.03 4.88 -3.07
C ASP A 26 0.13 5.37 -4.21
N LEU A 27 0.57 5.25 -5.43
CA LEU A 27 -0.28 5.71 -6.57
C LEU A 27 -1.65 5.04 -6.49
N GLU A 28 -1.74 3.94 -5.78
CA GLU A 28 -3.04 3.23 -5.64
C GLU A 28 -3.70 3.63 -4.33
N ALA A 29 -2.94 4.14 -3.39
CA ALA A 29 -3.52 4.55 -2.09
C ALA A 29 -4.58 5.62 -2.29
N ASN A 30 -4.42 6.45 -3.28
CA ASN A 30 -5.43 7.52 -3.55
C ASN A 30 -6.70 6.91 -4.15
N GLN A 31 -6.56 5.99 -5.05
CA GLN A 31 -7.76 5.36 -5.68
C GLN A 31 -8.28 4.22 -4.80
N LEU A 32 -7.57 3.88 -3.76
CA LEU A 32 -8.02 2.78 -2.87
C LEU A 32 -8.41 3.32 -1.49
N PHE A 33 -7.91 4.49 -1.15
CA PHE A 33 -8.25 5.07 0.18
C PHE A 33 -9.71 5.52 0.22
N ASP A 34 -10.38 5.26 1.31
CA ASP A 34 -11.82 5.67 1.43
C ASP A 34 -12.07 6.35 2.77
N PRO A 35 -12.83 7.41 2.72
CA PRO A 35 -13.15 8.17 3.96
C PRO A 35 -14.16 7.40 4.82
N MET A 36 -15.09 6.73 4.20
CA MET A 36 -16.09 5.95 4.98
C MET A 36 -15.39 5.05 6.01
N THR A 37 -14.16 4.67 5.73
CA THR A 37 -13.44 3.79 6.68
C THR A 37 -12.09 4.42 7.05
N GLY A 38 -11.73 5.48 6.39
CA GLY A 38 -10.42 6.14 6.71
C GLY A 38 -9.28 5.17 6.45
N THR A 39 -9.40 4.33 5.45
CA THR A 39 -8.32 3.37 5.14
C THR A 39 -8.31 3.05 3.64
N PHE A 40 -7.58 2.05 3.23
CA PHE A 40 -7.53 1.69 1.79
C PHE A 40 -8.33 0.42 1.53
N ARG A 41 -9.27 0.47 0.63
CA ARG A 41 -10.08 -0.75 0.35
C ARG A 41 -9.63 -1.40 -0.95
N CYS A 42 -9.56 -2.71 -0.98
CA CYS A 42 -9.14 -3.42 -2.20
C CYS A 42 -9.88 -2.86 -3.42
N THR A 43 -9.55 -3.32 -4.60
CA THR A 43 -10.25 -2.79 -5.81
C THR A 43 -10.98 -3.91 -6.55
N PHE A 44 -10.62 -5.15 -6.28
CA PHE A 44 -11.31 -6.28 -6.98
C PHE A 44 -12.15 -7.07 -5.97
N CYS A 45 -11.66 -7.25 -4.78
CA CYS A 45 -12.44 -8.01 -3.77
C CYS A 45 -12.81 -7.08 -2.61
N HIS A 46 -12.65 -5.80 -2.81
CA HIS A 46 -13.02 -4.78 -1.77
C HIS A 46 -12.67 -5.22 -0.34
N THR A 47 -11.63 -6.00 -0.16
CA THR A 47 -11.27 -6.39 1.23
C THR A 47 -10.31 -5.35 1.81
N GLU A 48 -10.42 -5.05 3.07
CA GLU A 48 -9.51 -4.05 3.69
C GLU A 48 -8.05 -4.46 3.45
N VAL A 49 -7.28 -3.61 2.83
CA VAL A 49 -5.84 -3.95 2.58
C VAL A 49 -4.99 -3.59 3.79
N GLU A 50 -3.72 -3.86 3.73
CA GLU A 50 -2.82 -3.54 4.88
C GLU A 50 -1.46 -3.06 4.37
N GLU A 51 -0.84 -2.16 5.06
CA GLU A 51 0.50 -1.66 4.60
C GLU A 51 1.41 -2.85 4.30
N ASP A 52 1.98 -2.90 3.12
CA ASP A 52 2.88 -4.04 2.78
C ASP A 52 4.27 -3.80 3.39
N GLU A 53 4.62 -4.55 4.40
CA GLU A 53 5.96 -4.37 5.02
C GLU A 53 6.96 -5.33 4.36
N SER A 54 6.59 -5.93 3.27
CA SER A 54 7.51 -6.87 2.57
C SER A 54 8.02 -6.25 1.27
N ALA A 55 7.24 -6.33 0.22
CA ALA A 55 7.68 -5.74 -1.08
C ALA A 55 9.11 -6.20 -1.41
N MET A 56 9.82 -5.43 -2.19
CA MET A 56 11.21 -5.81 -2.55
C MET A 56 11.21 -7.12 -3.35
N PRO A 57 10.57 -7.07 -4.48
CA PRO A 57 10.49 -8.26 -5.36
C PRO A 57 11.82 -8.46 -6.09
N LYS A 58 11.98 -7.85 -7.23
CA LYS A 58 13.26 -8.01 -7.99
C LYS A 58 14.44 -7.73 -7.07
N LYS A 59 15.64 -8.04 -7.51
CA LYS A 59 16.83 -7.79 -6.65
C LYS A 59 18.03 -7.39 -7.51
N ASP A 60 19.13 -7.02 -6.90
CA ASP A 60 20.33 -6.62 -7.68
C ASP A 60 21.59 -7.10 -6.96
N ALA A 61 21.69 -8.38 -6.71
CA ALA A 61 22.90 -8.91 -6.03
C ALA A 61 23.27 -8.01 -4.83
N ARG A 62 24.42 -8.23 -4.25
CA ARG A 62 24.83 -7.39 -3.09
C ARG A 62 26.20 -6.77 -3.34
ZN ZN B . -8.58 -8.05 -2.18
N ARG A 1 18.24 19.30 -14.62
CA ARG A 1 17.50 18.58 -13.55
C ARG A 1 16.47 19.51 -12.90
N ILE A 2 15.24 19.45 -13.33
CA ILE A 2 14.20 20.34 -12.73
C ILE A 2 14.34 20.36 -11.21
N GLU A 3 14.22 21.51 -10.61
CA GLU A 3 14.35 21.59 -9.12
C GLU A 3 13.17 20.87 -8.45
N THR A 4 13.43 20.17 -7.37
CA THR A 4 12.33 19.45 -6.68
C THR A 4 11.12 20.38 -6.49
N ASP A 5 11.37 21.62 -6.16
CA ASP A 5 10.24 22.57 -5.95
C ASP A 5 9.43 22.18 -4.71
N GLU A 6 10.06 22.13 -3.57
CA GLU A 6 9.33 21.76 -2.33
C GLU A 6 8.63 20.41 -2.50
N ARG A 7 8.02 19.91 -1.46
CA ARG A 7 7.33 18.59 -1.57
C ARG A 7 5.81 18.81 -1.72
N ASP A 8 5.09 17.79 -2.07
CA ASP A 8 3.62 17.94 -2.23
C ASP A 8 2.92 16.59 -2.00
N SER A 9 3.48 15.53 -2.52
CA SER A 9 2.85 14.19 -2.33
C SER A 9 3.93 13.14 -2.08
N THR A 10 5.07 13.53 -1.60
CA THR A 10 6.15 12.55 -1.33
C THR A 10 5.72 11.55 -0.27
N ASN A 11 5.04 10.52 -0.65
CA ASN A 11 4.57 9.51 0.34
C ASN A 11 4.33 8.16 -0.34
N ARG A 12 5.33 7.33 -0.42
CA ARG A 12 5.14 6.00 -1.08
C ARG A 12 4.64 4.98 -0.05
N ALA A 13 3.85 4.03 -0.48
CA ALA A 13 3.33 3.01 0.47
C ALA A 13 2.78 1.79 -0.28
N SER A 14 3.33 0.64 -0.01
CA SER A 14 2.86 -0.59 -0.70
C SER A 14 1.89 -1.36 0.20
N PHE A 15 0.62 -1.34 -0.12
CA PHE A 15 -0.37 -2.07 0.72
C PHE A 15 -0.66 -3.45 0.13
N LYS A 16 -1.22 -4.33 0.91
CA LYS A 16 -1.53 -5.69 0.39
C LYS A 16 -2.89 -6.15 0.91
N CYS A 17 -3.59 -6.92 0.12
CA CYS A 17 -4.93 -7.40 0.55
C CYS A 17 -4.81 -8.81 1.17
N PRO A 18 -5.39 -8.96 2.33
CA PRO A 18 -5.34 -10.26 3.04
C PRO A 18 -6.34 -11.26 2.42
N VAL A 19 -7.30 -10.80 1.67
CA VAL A 19 -8.28 -11.73 1.07
C VAL A 19 -7.78 -12.28 -0.27
N CYS A 20 -7.77 -11.48 -1.30
CA CYS A 20 -7.29 -11.99 -2.62
C CYS A 20 -5.77 -11.84 -2.73
N SER A 21 -5.12 -11.62 -1.62
CA SER A 21 -3.62 -11.50 -1.61
C SER A 21 -3.10 -10.57 -2.72
N SER A 22 -3.84 -9.55 -3.06
CA SER A 22 -3.36 -8.61 -4.11
C SER A 22 -2.47 -7.55 -3.45
N THR A 23 -2.16 -6.47 -4.13
CA THR A 23 -1.29 -5.44 -3.50
C THR A 23 -1.45 -4.08 -4.20
N PHE A 24 -1.04 -3.04 -3.54
CA PHE A 24 -1.15 -1.68 -4.14
C PHE A 24 -0.03 -0.77 -3.61
N THR A 25 0.22 0.33 -4.26
CA THR A 25 1.28 1.26 -3.78
C THR A 25 0.67 2.63 -3.46
N ASP A 26 1.48 3.60 -3.15
CA ASP A 26 0.93 4.96 -2.83
C ASP A 26 0.05 5.45 -3.98
N LEU A 27 0.55 5.42 -5.19
CA LEU A 27 -0.27 5.89 -6.33
C LEU A 27 -1.64 5.22 -6.30
N GLU A 28 -1.71 4.04 -5.72
CA GLU A 28 -3.02 3.33 -5.62
C GLU A 28 -3.71 3.69 -4.32
N ALA A 29 -2.99 4.26 -3.39
CA ALA A 29 -3.61 4.65 -2.09
C ALA A 29 -4.56 5.83 -2.30
N ASN A 30 -4.49 6.47 -3.43
CA ASN A 30 -5.40 7.62 -3.70
C ASN A 30 -6.69 7.15 -4.37
N GLN A 31 -6.68 5.98 -4.96
CA GLN A 31 -7.91 5.49 -5.64
C GLN A 31 -8.59 4.42 -4.78
N LEU A 32 -7.88 3.86 -3.84
CA LEU A 32 -8.50 2.81 -2.97
C LEU A 32 -8.87 3.38 -1.60
N PHE A 33 -8.39 4.56 -1.29
CA PHE A 33 -8.71 5.17 0.03
C PHE A 33 -10.19 5.57 0.08
N ASP A 34 -10.80 5.47 1.23
CA ASP A 34 -12.24 5.83 1.35
C ASP A 34 -12.50 6.54 2.69
N PRO A 35 -13.24 7.61 2.63
CA PRO A 35 -13.56 8.39 3.85
C PRO A 35 -14.58 7.64 4.73
N MET A 36 -15.06 6.52 4.27
CA MET A 36 -16.06 5.76 5.08
C MET A 36 -15.39 5.19 6.34
N THR A 37 -14.09 5.25 6.41
CA THR A 37 -13.38 4.71 7.61
C THR A 37 -12.03 5.41 7.79
N GLY A 38 -11.29 5.54 6.74
CA GLY A 38 -9.96 6.21 6.84
C GLY A 38 -8.86 5.23 6.40
N THR A 39 -9.18 4.29 5.57
CA THR A 39 -8.16 3.32 5.10
C THR A 39 -8.29 3.08 3.59
N PHE A 40 -7.61 2.10 3.07
CA PHE A 40 -7.69 1.82 1.61
C PHE A 40 -8.41 0.48 1.37
N ARG A 41 -9.30 0.44 0.42
CA ARG A 41 -10.04 -0.82 0.16
C ARG A 41 -9.55 -1.47 -1.14
N CYS A 42 -9.58 -2.77 -1.20
CA CYS A 42 -9.15 -3.50 -2.43
C CYS A 42 -9.89 -2.95 -3.64
N THR A 43 -9.56 -3.40 -4.82
CA THR A 43 -10.26 -2.89 -6.05
C THR A 43 -10.95 -4.04 -6.78
N PHE A 44 -10.55 -5.26 -6.54
CA PHE A 44 -11.22 -6.41 -7.22
C PHE A 44 -12.06 -7.21 -6.23
N CYS A 45 -11.57 -7.39 -5.04
CA CYS A 45 -12.36 -8.15 -4.02
C CYS A 45 -12.78 -7.19 -2.88
N HIS A 46 -12.61 -5.91 -3.10
CA HIS A 46 -13.02 -4.87 -2.10
C HIS A 46 -12.66 -5.26 -0.65
N THR A 47 -11.66 -6.05 -0.44
CA THR A 47 -11.29 -6.40 0.96
C THR A 47 -10.34 -5.33 1.52
N GLU A 48 -10.30 -5.16 2.81
CA GLU A 48 -9.39 -4.12 3.40
C GLU A 48 -7.93 -4.47 3.09
N VAL A 49 -7.10 -3.49 2.89
CA VAL A 49 -5.67 -3.77 2.59
C VAL A 49 -4.77 -3.27 3.73
N GLU A 50 -3.53 -3.71 3.75
CA GLU A 50 -2.61 -3.26 4.84
C GLU A 50 -1.20 -3.02 4.27
N GLU A 51 -0.41 -2.22 4.92
CA GLU A 51 0.97 -1.96 4.42
C GLU A 51 1.74 -3.27 4.26
N ASP A 52 2.31 -3.51 3.12
CA ASP A 52 3.09 -4.77 2.91
C ASP A 52 4.51 -4.61 3.45
N GLU A 53 4.82 -5.24 4.54
CA GLU A 53 6.19 -5.12 5.12
C GLU A 53 6.96 -6.44 4.95
N SER A 54 6.48 -7.31 4.10
CA SER A 54 7.18 -8.61 3.89
C SER A 54 7.83 -8.65 2.50
N ALA A 55 7.42 -7.79 1.62
CA ALA A 55 8.02 -7.78 0.25
C ALA A 55 8.49 -6.37 -0.12
N MET A 56 9.64 -6.28 -0.75
CA MET A 56 10.16 -4.94 -1.14
C MET A 56 10.20 -4.00 0.06
N PRO A 57 10.98 -4.37 1.05
CA PRO A 57 11.11 -3.55 2.27
C PRO A 57 11.97 -2.31 1.98
N LYS A 58 11.61 -1.19 2.55
CA LYS A 58 12.42 0.05 2.31
C LYS A 58 12.70 0.76 3.64
N LYS A 59 13.73 0.35 4.33
CA LYS A 59 14.05 1.01 5.63
C LYS A 59 15.42 0.54 6.13
N ASP A 60 15.82 0.97 7.29
CA ASP A 60 17.14 0.54 7.84
C ASP A 60 17.20 -0.98 7.94
N ALA A 61 18.23 -1.51 8.54
CA ALA A 61 18.34 -3.00 8.67
C ALA A 61 18.38 -3.65 7.30
N ARG A 62 19.37 -4.47 7.05
CA ARG A 62 19.46 -5.15 5.72
C ARG A 62 18.13 -5.81 5.37
ZN ZN B . -8.55 -8.11 -2.38
N ARG A 1 4.72 29.79 -9.37
CA ARG A 1 4.70 28.62 -10.30
C ARG A 1 4.03 27.42 -9.63
N ILE A 2 3.00 26.89 -10.24
CA ILE A 2 2.29 25.72 -9.64
C ILE A 2 2.81 24.42 -10.26
N GLU A 3 1.99 23.41 -10.29
CA GLU A 3 2.44 22.10 -10.88
C GLU A 3 3.54 21.49 -10.02
N THR A 4 4.67 22.13 -9.93
CA THR A 4 5.78 21.58 -9.10
C THR A 4 5.44 21.70 -7.62
N ASP A 5 4.48 22.52 -7.28
CA ASP A 5 4.11 22.68 -5.84
C ASP A 5 3.05 21.64 -5.46
N GLU A 6 2.69 20.78 -6.37
CA GLU A 6 1.67 19.74 -6.07
C GLU A 6 2.34 18.43 -5.63
N ARG A 7 1.59 17.38 -5.49
CA ARG A 7 2.18 16.08 -5.08
C ARG A 7 2.80 16.19 -3.68
N ASP A 8 2.26 15.47 -2.74
CA ASP A 8 2.82 15.52 -1.35
C ASP A 8 2.93 14.11 -0.78
N SER A 9 3.54 13.21 -1.51
CA SER A 9 3.68 11.82 -1.00
C SER A 9 4.08 11.82 0.48
N THR A 10 3.14 11.65 1.36
CA THR A 10 3.46 11.64 2.81
C THR A 10 3.75 10.21 3.27
N ASN A 11 2.80 9.33 3.18
CA ASN A 11 3.03 7.92 3.60
C ASN A 11 3.06 7.01 2.38
N ARG A 12 3.84 7.37 1.39
CA ARG A 12 3.92 6.53 0.16
C ARG A 12 4.36 5.10 0.51
N ALA A 13 3.82 4.13 -0.16
CA ALA A 13 4.21 2.71 0.13
C ALA A 13 3.28 1.75 -0.61
N SER A 14 3.38 0.48 -0.32
CA SER A 14 2.51 -0.52 -1.02
C SER A 14 1.65 -1.27 0.00
N PHE A 15 0.35 -1.27 -0.20
CA PHE A 15 -0.54 -1.98 0.75
C PHE A 15 -0.88 -3.38 0.21
N LYS A 16 -1.11 -4.33 1.07
CA LYS A 16 -1.44 -5.70 0.61
C LYS A 16 -2.85 -6.09 1.09
N CYS A 17 -3.53 -6.94 0.36
CA CYS A 17 -4.89 -7.36 0.77
C CYS A 17 -4.83 -8.75 1.42
N PRO A 18 -5.44 -8.87 2.57
CA PRO A 18 -5.46 -10.15 3.30
C PRO A 18 -6.44 -11.15 2.69
N VAL A 19 -7.40 -10.68 1.91
CA VAL A 19 -8.38 -11.62 1.30
C VAL A 19 -7.87 -12.18 -0.02
N CYS A 20 -7.87 -11.38 -1.06
CA CYS A 20 -7.37 -11.90 -2.37
C CYS A 20 -5.85 -11.77 -2.46
N SER A 21 -5.20 -11.57 -1.34
CA SER A 21 -3.71 -11.46 -1.32
C SER A 21 -3.19 -10.53 -2.41
N SER A 22 -3.97 -9.59 -2.84
CA SER A 22 -3.48 -8.65 -3.89
C SER A 22 -2.62 -7.58 -3.23
N THR A 23 -2.16 -6.62 -3.98
CA THR A 23 -1.32 -5.54 -3.36
C THR A 23 -1.48 -4.24 -4.14
N PHE A 24 -1.06 -3.15 -3.55
CA PHE A 24 -1.18 -1.83 -4.23
C PHE A 24 0.03 -0.95 -3.90
N THR A 25 0.15 0.18 -4.55
CA THR A 25 1.28 1.10 -4.28
C THR A 25 0.76 2.50 -3.94
N ASP A 26 1.63 3.42 -3.66
CA ASP A 26 1.17 4.80 -3.34
C ASP A 26 0.23 5.32 -4.43
N LEU A 27 0.58 5.10 -5.68
CA LEU A 27 -0.29 5.58 -6.78
C LEU A 27 -1.70 4.98 -6.63
N GLU A 28 -1.79 3.87 -5.95
CA GLU A 28 -3.11 3.23 -5.74
C GLU A 28 -3.69 3.67 -4.39
N ALA A 29 -2.87 4.23 -3.55
CA ALA A 29 -3.36 4.68 -2.22
C ALA A 29 -4.35 5.84 -2.38
N ASN A 30 -4.12 6.70 -3.33
CA ASN A 30 -5.05 7.85 -3.55
C ASN A 30 -6.40 7.35 -4.08
N GLN A 31 -6.42 6.18 -4.66
CA GLN A 31 -7.68 5.63 -5.21
C GLN A 31 -8.20 4.50 -4.32
N LEU A 32 -7.33 3.85 -3.61
CA LEU A 32 -7.78 2.74 -2.73
C LEU A 32 -8.22 3.29 -1.36
N PHE A 33 -7.87 4.51 -1.07
CA PHE A 33 -8.26 5.11 0.24
C PHE A 33 -9.75 5.45 0.25
N ASP A 34 -10.43 5.13 1.32
CA ASP A 34 -11.89 5.45 1.40
C ASP A 34 -12.21 6.10 2.75
N PRO A 35 -13.02 7.12 2.69
CA PRO A 35 -13.42 7.84 3.93
C PRO A 35 -14.37 6.99 4.78
N MET A 36 -15.07 6.08 4.16
CA MET A 36 -16.02 5.23 4.94
C MET A 36 -15.27 4.44 6.02
N THR A 37 -14.12 3.92 5.70
CA THR A 37 -13.35 3.15 6.72
C THR A 37 -12.14 3.96 7.21
N GLY A 38 -11.75 4.97 6.47
CA GLY A 38 -10.58 5.79 6.88
C GLY A 38 -9.29 5.08 6.49
N THR A 39 -9.39 4.05 5.70
CA THR A 39 -8.17 3.31 5.28
C THR A 39 -8.21 3.05 3.76
N PHE A 40 -7.51 2.05 3.31
CA PHE A 40 -7.51 1.74 1.85
C PHE A 40 -8.28 0.45 1.58
N ARG A 41 -9.23 0.48 0.69
CA ARG A 41 -10.02 -0.74 0.40
C ARG A 41 -9.57 -1.36 -0.93
N CYS A 42 -9.45 -2.66 -0.96
CA CYS A 42 -9.03 -3.36 -2.21
C CYS A 42 -9.80 -2.79 -3.41
N THR A 43 -9.45 -3.19 -4.60
CA THR A 43 -10.17 -2.66 -5.79
C THR A 43 -10.87 -3.80 -6.54
N PHE A 44 -10.51 -5.02 -6.29
CA PHE A 44 -11.19 -6.16 -6.98
C PHE A 44 -12.05 -6.94 -6.00
N CYS A 45 -11.54 -7.18 -4.83
CA CYS A 45 -12.33 -7.93 -3.82
C CYS A 45 -12.75 -6.98 -2.68
N HIS A 46 -12.56 -5.70 -2.89
CA HIS A 46 -12.95 -4.66 -1.88
C HIS A 46 -12.60 -5.06 -0.43
N THR A 47 -11.61 -5.89 -0.23
CA THR A 47 -11.25 -6.26 1.16
C THR A 47 -10.30 -5.20 1.74
N GLU A 48 -10.27 -5.04 3.03
CA GLU A 48 -9.38 -4.02 3.64
C GLU A 48 -7.91 -4.39 3.39
N VAL A 49 -7.14 -3.47 2.88
CA VAL A 49 -5.70 -3.77 2.61
C VAL A 49 -4.83 -3.27 3.77
N GLU A 50 -3.58 -3.62 3.79
CA GLU A 50 -2.69 -3.17 4.89
C GLU A 50 -1.29 -2.83 4.34
N GLU A 51 -0.67 -1.81 4.87
CA GLU A 51 0.68 -1.45 4.38
C GLU A 51 1.58 -2.68 4.35
N ASP A 52 2.20 -2.97 3.24
CA ASP A 52 3.08 -4.16 3.15
C ASP A 52 4.52 -3.80 3.52
N GLU A 53 5.01 -4.31 4.62
CA GLU A 53 6.41 -3.99 5.03
C GLU A 53 7.40 -4.79 4.18
N SER A 54 6.91 -5.58 3.27
CA SER A 54 7.82 -6.38 2.40
C SER A 54 7.89 -5.76 1.00
N ALA A 55 7.66 -4.48 0.90
CA ALA A 55 7.70 -3.82 -0.44
C ALA A 55 8.36 -2.45 -0.33
N MET A 56 9.64 -2.42 -0.10
CA MET A 56 10.34 -1.10 0.02
C MET A 56 10.56 -0.49 -1.37
N PRO A 57 10.61 0.81 -1.41
CA PRO A 57 10.82 1.53 -2.69
C PRO A 57 12.25 1.36 -3.17
N LYS A 58 13.19 1.32 -2.28
CA LYS A 58 14.62 1.15 -2.68
C LYS A 58 14.80 -0.16 -3.46
N LYS A 59 15.43 -0.10 -4.60
CA LYS A 59 15.64 -1.34 -5.40
C LYS A 59 17.13 -1.67 -5.49
N ASP A 60 17.52 -2.41 -6.49
CA ASP A 60 18.96 -2.76 -6.64
C ASP A 60 19.65 -1.80 -7.61
N ALA A 61 18.98 -1.46 -8.68
CA ALA A 61 19.59 -0.53 -9.67
C ALA A 61 18.50 0.08 -10.58
N ARG A 62 18.66 1.32 -10.95
CA ARG A 62 17.65 1.96 -11.83
C ARG A 62 18.11 1.91 -13.30
ZN ZN B . -8.49 -7.98 -2.18
#